data_2YVC
#
_entry.id   2YVC
#
_cell.length_a   108.790
_cell.length_b   116.838
_cell.length_c   141.884
_cell.angle_alpha   90.00
_cell.angle_beta   90.00
_cell.angle_gamma   90.00
#
_symmetry.space_group_name_H-M   'P 21 21 21'
#
loop_
_entity.id
_entity.type
_entity.pdbx_description
1 polymer Radixin
2 polymer Neprilysin
#
loop_
_entity_poly.entity_id
_entity_poly.type
_entity_poly.pdbx_seq_one_letter_code
_entity_poly.pdbx_strand_id
1 'polypeptide(L)'
;GSMPKPINVRVTTMDAELEFAIQPNTTGKQLFDQVVKTVGLREVWFFGLQYVDSKGYSTWLKLNKKVTQQDVKKENPLQF
KFRAKFFPEDVSEELIQEITQRLFFLQVKEAILNDEIYCPPETAVLLASYAVQAKYGDYNKEIHKPGYLANDRLLPQRVL
EQHKLTKEQWEERIQNWHEEHRGMLREDSMMEYLKIAQDLEMYGVNYFEIKNKKGTELWLGVDALGLNIYEHDDKLTPKI
GFPWSEIRNISFNDKKFVIKPIDKKAPDFVFYAPRLRINKRILALCMGNHELYMRRRKPDTIEVQQMKAQAR
;
A,B,C
2 'polypeptide(L)' GRSESQMDITDINAPKPKKKQR D,E,F
#
# COMPACT_ATOMS: atom_id res chain seq x y z
N LYS A 5 -9.77 -36.24 12.30
CA LYS A 5 -8.94 -35.03 12.55
C LYS A 5 -9.79 -33.83 13.00
N PRO A 6 -9.22 -32.96 13.87
CA PRO A 6 -9.94 -31.77 14.34
C PRO A 6 -9.81 -30.59 13.37
N ILE A 7 -10.96 -30.02 13.02
CA ILE A 7 -11.00 -28.85 12.16
C ILE A 7 -10.90 -27.61 13.05
N ASN A 8 -9.84 -26.84 12.84
CA ASN A 8 -9.60 -25.62 13.61
C ASN A 8 -10.38 -24.41 13.08
N VAL A 9 -11.13 -23.78 13.97
CA VAL A 9 -12.10 -22.74 13.61
C VAL A 9 -11.90 -21.46 14.44
N ARG A 10 -11.73 -20.32 13.76
CA ARG A 10 -11.72 -19.03 14.47
C ARG A 10 -12.93 -18.21 14.07
N VAL A 11 -13.61 -17.67 15.07
CA VAL A 11 -14.77 -16.87 14.82
C VAL A 11 -14.62 -15.57 15.59
N THR A 12 -14.20 -14.52 14.89
CA THR A 12 -14.06 -13.24 15.52
C THR A 12 -15.40 -12.55 15.43
N THR A 13 -15.88 -12.01 16.54
CA THR A 13 -16.92 -11.00 16.49
C THR A 13 -16.22 -9.66 16.29
N MET A 14 -16.90 -8.57 16.62
CA MET A 14 -16.33 -7.24 16.44
C MET A 14 -15.43 -6.79 17.60
N ASP A 15 -15.63 -7.38 18.78
CA ASP A 15 -14.75 -7.09 19.90
C ASP A 15 -14.10 -8.31 20.56
N ALA A 16 -14.30 -9.50 19.97
CA ALA A 16 -13.82 -10.75 20.56
C ALA A 16 -13.41 -11.75 19.47
N GLU A 17 -12.43 -12.60 19.78
CA GLU A 17 -12.14 -13.73 18.91
C GLU A 17 -12.46 -14.99 19.69
N LEU A 18 -12.72 -16.09 19.01
CA LEU A 18 -12.95 -17.37 19.67
C LEU A 18 -12.35 -18.48 18.81
N GLU A 19 -11.66 -19.40 19.45
CA GLU A 19 -11.03 -20.45 18.71
C GLU A 19 -11.31 -21.76 19.36
N PHE A 20 -12.00 -22.64 18.65
CA PHE A 20 -12.21 -23.99 19.13
C PHE A 20 -12.09 -25.00 18.01
N ALA A 21 -12.01 -26.27 18.41
CA ALA A 21 -11.96 -27.37 17.49
C ALA A 21 -13.37 -27.77 17.06
N ILE A 22 -13.51 -28.24 15.84
CA ILE A 22 -14.81 -28.58 15.32
C ILE A 22 -14.82 -30.02 14.83
N GLN A 23 -16.00 -30.64 14.81
CA GLN A 23 -16.16 -32.02 14.39
C GLN A 23 -16.39 -32.10 12.89
N PRO A 24 -15.77 -33.08 12.21
CA PRO A 24 -15.80 -33.27 10.74
C PRO A 24 -17.18 -33.32 10.10
N ASN A 25 -18.21 -33.10 10.89
CA ASN A 25 -19.59 -33.07 10.39
C ASN A 25 -20.48 -32.13 11.20
N THR A 26 -19.86 -31.14 11.84
CA THR A 26 -20.57 -30.13 12.63
C THR A 26 -21.39 -29.26 11.69
N THR A 27 -22.67 -29.10 11.99
CA THR A 27 -23.57 -28.35 11.12
C THR A 27 -23.40 -26.88 11.39
N GLY A 28 -23.38 -26.09 10.31
CA GLY A 28 -23.32 -24.63 10.41
C GLY A 28 -24.09 -24.12 11.61
N LYS A 29 -25.32 -24.60 11.75
CA LYS A 29 -26.16 -24.21 12.88
C LYS A 29 -25.46 -24.46 14.21
N GLN A 30 -24.99 -25.69 14.41
CA GLN A 30 -24.30 -26.06 15.66
C GLN A 30 -23.16 -25.08 15.97
N LEU A 31 -22.39 -24.73 14.93
CA LEU A 31 -21.34 -23.71 15.04
C LEU A 31 -21.91 -22.37 15.46
N PHE A 32 -22.81 -21.82 14.65
CA PHE A 32 -23.46 -20.56 14.99
C PHE A 32 -23.99 -20.59 16.43
N ASP A 33 -24.58 -21.71 16.80
CA ASP A 33 -25.20 -21.87 18.11
C ASP A 33 -24.17 -21.75 19.22
N GLN A 34 -23.02 -22.39 19.02
CA GLN A 34 -21.98 -22.32 20.02
C GLN A 34 -21.54 -20.88 20.27
N VAL A 35 -21.28 -20.16 19.17
CA VAL A 35 -20.76 -18.79 19.20
C VAL A 35 -21.68 -17.85 19.97
N VAL A 36 -22.94 -17.81 19.56
CA VAL A 36 -23.98 -17.03 20.19
C VAL A 36 -24.13 -17.38 21.67
N LYS A 37 -24.02 -18.67 21.98
CA LYS A 37 -24.14 -19.16 23.34
C LYS A 37 -22.98 -18.64 24.18
N THR A 38 -21.77 -18.68 23.60
CA THR A 38 -20.57 -18.26 24.32
C THR A 38 -20.58 -16.75 24.59
N VAL A 39 -21.11 -16.00 23.64
CA VAL A 39 -21.16 -14.56 23.76
C VAL A 39 -22.35 -14.15 24.64
N GLY A 40 -23.37 -14.99 24.67
CA GLY A 40 -24.60 -14.68 25.40
C GLY A 40 -25.46 -13.73 24.60
N LEU A 41 -25.71 -14.09 23.35
CA LEU A 41 -26.52 -13.30 22.45
C LEU A 41 -27.87 -13.97 22.20
N ARG A 42 -28.95 -13.27 22.50
CA ARG A 42 -30.31 -13.81 22.29
C ARG A 42 -30.93 -13.39 20.97
N GLU A 43 -30.67 -12.16 20.54
CA GLU A 43 -31.26 -11.60 19.35
C GLU A 43 -30.56 -12.14 18.10
N VAL A 44 -30.60 -13.45 17.92
CA VAL A 44 -29.76 -14.10 16.92
C VAL A 44 -30.19 -13.89 15.47
N TRP A 45 -31.32 -13.22 15.24
CA TRP A 45 -31.90 -13.17 13.89
C TRP A 45 -31.21 -12.20 12.94
N PHE A 46 -30.53 -11.22 13.52
CA PHE A 46 -29.82 -10.21 12.75
C PHE A 46 -28.48 -10.69 12.20
N PHE A 47 -27.99 -11.82 12.72
CA PHE A 47 -26.60 -12.19 12.57
C PHE A 47 -26.33 -13.39 11.69
N GLY A 48 -25.08 -13.49 11.26
CA GLY A 48 -24.62 -14.58 10.44
C GLY A 48 -23.13 -14.78 10.62
N LEU A 49 -22.63 -15.88 10.09
CA LEU A 49 -21.22 -16.18 10.05
C LEU A 49 -20.79 -15.98 8.63
N GLN A 50 -19.75 -15.20 8.43
CA GLN A 50 -19.29 -14.88 7.10
C GLN A 50 -17.90 -15.44 6.93
N TYR A 51 -17.69 -16.15 5.82
CA TYR A 51 -16.38 -16.71 5.51
C TYR A 51 -16.08 -16.37 4.08
N VAL A 52 -14.89 -16.77 3.61
CA VAL A 52 -14.55 -16.61 2.20
C VAL A 52 -14.29 -17.97 1.54
N ASP A 53 -15.08 -18.26 0.50
CA ASP A 53 -14.98 -19.51 -0.26
C ASP A 53 -13.71 -19.57 -1.12
N SER A 54 -13.56 -20.65 -1.89
CA SER A 54 -12.33 -20.86 -2.65
C SER A 54 -12.16 -19.93 -3.85
N LYS A 55 -13.27 -19.40 -4.36
CA LYS A 55 -13.25 -18.46 -5.47
C LYS A 55 -12.92 -17.04 -5.04
N GLY A 56 -12.96 -16.80 -3.73
CA GLY A 56 -12.66 -15.48 -3.18
C GLY A 56 -13.88 -14.69 -2.73
N TYR A 57 -15.07 -15.19 -3.03
CA TYR A 57 -16.30 -14.51 -2.68
C TYR A 57 -16.52 -14.53 -1.17
N SER A 58 -16.79 -13.37 -0.58
CA SER A 58 -17.29 -13.33 0.79
C SER A 58 -18.66 -13.98 0.79
N THR A 59 -18.83 -15.04 1.58
CA THR A 59 -20.10 -15.79 1.59
C THR A 59 -20.66 -15.94 3.00
N TRP A 60 -21.99 -16.06 3.09
CA TRP A 60 -22.65 -16.38 4.35
C TRP A 60 -22.74 -17.89 4.54
N LEU A 61 -22.37 -18.36 5.73
CA LEU A 61 -22.32 -19.78 6.05
C LEU A 61 -23.72 -20.29 6.36
N LYS A 62 -24.10 -21.36 5.66
CA LYS A 62 -25.44 -21.91 5.71
C LYS A 62 -25.63 -22.87 6.88
N LEU A 63 -26.67 -22.61 7.68
CA LEU A 63 -26.84 -23.29 8.96
C LEU A 63 -27.30 -24.74 8.82
N ASN A 64 -28.18 -24.99 7.85
CA ASN A 64 -28.63 -26.33 7.53
C ASN A 64 -27.73 -26.98 6.47
N LYS A 65 -26.47 -27.17 6.85
CA LYS A 65 -25.48 -27.82 6.00
C LYS A 65 -24.21 -27.99 6.82
N LYS A 66 -23.47 -29.07 6.57
CA LYS A 66 -22.26 -29.35 7.31
C LYS A 66 -21.27 -28.22 7.08
N VAL A 67 -20.80 -27.64 8.19
CA VAL A 67 -19.88 -26.49 8.17
C VAL A 67 -18.62 -26.82 7.39
N THR A 68 -18.41 -28.10 7.17
CA THR A 68 -17.22 -28.59 6.50
C THR A 68 -17.46 -28.79 5.00
N GLN A 69 -18.70 -28.65 4.56
CA GLN A 69 -19.10 -28.95 3.18
C GLN A 69 -19.67 -27.74 2.42
N GLN A 70 -19.17 -26.55 2.73
CA GLN A 70 -19.68 -25.35 2.09
C GLN A 70 -18.58 -24.64 1.34
N ASP A 71 -17.44 -25.33 1.22
CA ASP A 71 -16.27 -24.83 0.52
C ASP A 71 -15.78 -23.48 1.04
N VAL A 72 -15.41 -23.45 2.31
CA VAL A 72 -14.75 -22.28 2.89
C VAL A 72 -13.27 -22.41 2.56
N LYS A 73 -12.56 -21.31 2.34
CA LYS A 73 -11.15 -21.43 1.99
C LYS A 73 -10.47 -22.28 3.06
N LYS A 74 -9.73 -23.30 2.62
CA LYS A 74 -9.08 -24.24 3.52
C LYS A 74 -7.75 -23.68 4.04
N GLU A 75 -7.81 -23.03 5.19
CA GLU A 75 -6.62 -22.59 5.91
C GLU A 75 -6.64 -23.37 7.19
N ASN A 76 -5.56 -23.34 7.97
CA ASN A 76 -5.55 -24.10 9.21
C ASN A 76 -6.71 -23.66 10.10
N PRO A 77 -6.62 -22.46 10.71
CA PRO A 77 -7.87 -22.10 11.40
C PRO A 77 -8.85 -21.72 10.30
N LEU A 78 -9.96 -22.44 10.19
CA LEU A 78 -11.07 -21.98 9.35
C LEU A 78 -11.59 -20.67 9.93
N GLN A 79 -11.57 -19.61 9.13
CA GLN A 79 -11.86 -18.27 9.62
C GLN A 79 -13.26 -17.81 9.26
N PHE A 80 -13.98 -17.27 10.23
CA PHE A 80 -15.31 -16.73 9.98
C PHE A 80 -15.42 -15.40 10.70
N LYS A 81 -16.32 -14.53 10.25
CA LYS A 81 -16.64 -13.29 10.97
C LYS A 81 -18.10 -13.31 11.35
N PHE A 82 -18.38 -12.91 12.57
CA PHE A 82 -19.74 -12.89 13.06
C PHE A 82 -20.18 -11.45 12.95
N ARG A 83 -21.06 -11.19 11.97
CA ARG A 83 -21.53 -9.84 11.66
C ARG A 83 -23.04 -9.81 11.49
N ALA A 84 -23.63 -8.64 11.70
CA ALA A 84 -25.03 -8.44 11.43
C ALA A 84 -25.24 -8.57 9.92
N LYS A 85 -26.10 -9.49 9.51
CA LYS A 85 -26.42 -9.67 8.10
C LYS A 85 -27.61 -8.79 7.74
N PHE A 86 -28.53 -8.64 8.69
CA PHE A 86 -29.72 -7.80 8.51
C PHE A 86 -29.75 -6.72 9.57
N PHE A 87 -30.30 -5.57 9.20
CA PHE A 87 -30.38 -4.44 10.09
C PHE A 87 -31.84 -4.21 10.46
N PRO A 88 -32.12 -3.81 11.69
CA PRO A 88 -33.48 -3.48 12.08
C PRO A 88 -34.00 -2.25 11.37
N GLU A 89 -35.30 -2.06 11.42
CA GLU A 89 -35.95 -0.85 10.89
C GLU A 89 -35.85 0.29 11.88
N ASP A 90 -35.84 -0.04 13.16
CA ASP A 90 -35.64 0.97 14.17
C ASP A 90 -34.84 0.43 15.34
N VAL A 91 -33.57 0.79 15.34
CA VAL A 91 -32.61 0.43 16.36
C VAL A 91 -33.15 0.39 17.80
N SER A 92 -33.78 1.48 18.25
CA SER A 92 -34.18 1.62 19.66
C SER A 92 -35.22 0.60 20.09
N GLU A 93 -36.21 0.34 19.25
CA GLU A 93 -37.22 -0.67 19.57
C GLU A 93 -36.92 -2.10 19.14
N GLU A 94 -35.85 -2.29 18.37
CA GLU A 94 -35.49 -3.62 17.87
C GLU A 94 -34.24 -4.25 18.52
N LEU A 95 -33.39 -3.42 19.14
CA LEU A 95 -32.18 -3.92 19.81
C LEU A 95 -32.35 -3.75 21.30
N ILE A 96 -32.65 -4.86 21.98
CA ILE A 96 -32.93 -4.82 23.42
C ILE A 96 -31.73 -5.18 24.25
N GLN A 97 -30.97 -6.17 23.79
CA GLN A 97 -29.76 -6.61 24.49
C GLN A 97 -28.58 -5.65 24.30
N GLU A 98 -27.93 -5.30 25.41
CA GLU A 98 -26.70 -4.51 25.38
C GLU A 98 -25.64 -5.10 24.45
N ILE A 99 -25.57 -6.42 24.40
CA ILE A 99 -24.62 -7.11 23.54
C ILE A 99 -24.91 -6.76 22.09
N THR A 100 -26.17 -6.90 21.69
CA THR A 100 -26.61 -6.62 20.32
C THR A 100 -26.33 -5.15 19.97
N GLN A 101 -26.77 -4.25 20.83
CA GLN A 101 -26.48 -2.83 20.64
C GLN A 101 -25.00 -2.61 20.44
N ARG A 102 -24.16 -3.34 21.17
CA ARG A 102 -22.73 -3.13 21.06
C ARG A 102 -22.18 -3.62 19.72
N LEU A 103 -22.43 -4.88 19.39
CA LEU A 103 -21.98 -5.43 18.11
C LEU A 103 -22.47 -4.64 16.91
N PHE A 104 -23.57 -3.91 17.06
CA PHE A 104 -24.09 -3.07 15.98
C PHE A 104 -23.35 -1.75 15.90
N PHE A 105 -23.41 -0.99 16.99
CA PHE A 105 -22.58 0.22 17.15
C PHE A 105 -21.22 0.04 16.49
N LEU A 106 -20.51 -1.03 16.86
CA LEU A 106 -19.17 -1.28 16.34
C LEU A 106 -19.13 -1.51 14.82
N GLN A 107 -19.95 -2.44 14.34
CA GLN A 107 -19.99 -2.75 12.91
C GLN A 107 -20.40 -1.54 12.10
N VAL A 108 -21.42 -0.83 12.58
CA VAL A 108 -21.92 0.36 11.89
C VAL A 108 -20.80 1.39 11.80
N LYS A 109 -20.22 1.73 12.95
CA LYS A 109 -19.22 2.79 13.05
C LYS A 109 -18.05 2.53 12.12
N GLU A 110 -17.54 1.30 12.17
CA GLU A 110 -16.45 0.88 11.32
C GLU A 110 -16.74 1.22 9.86
N ALA A 111 -17.95 0.93 9.39
CA ALA A 111 -18.30 1.22 8.00
C ALA A 111 -18.41 2.72 7.76
N ILE A 112 -18.91 3.44 8.77
CA ILE A 112 -19.05 4.88 8.71
C ILE A 112 -17.68 5.51 8.61
N LEU A 113 -16.70 4.85 9.22
CA LEU A 113 -15.33 5.34 9.24
C LEU A 113 -14.60 5.04 7.94
N ASN A 114 -15.00 3.95 7.28
CA ASN A 114 -14.40 3.53 6.02
C ASN A 114 -15.06 4.14 4.79
N ASP A 115 -15.73 5.26 4.96
CA ASP A 115 -16.47 5.89 3.86
C ASP A 115 -17.44 4.95 3.14
N GLU A 116 -17.83 3.87 3.80
CA GLU A 116 -18.77 2.92 3.20
C GLU A 116 -20.21 3.44 3.24
N ILE A 117 -20.73 3.71 4.43
CA ILE A 117 -21.97 4.45 4.57
C ILE A 117 -21.58 5.92 4.50
N TYR A 118 -22.13 6.67 3.55
CA TYR A 118 -21.82 8.09 3.50
C TYR A 118 -22.32 8.81 4.76
N CYS A 119 -21.52 9.77 5.23
CA CYS A 119 -21.91 10.60 6.34
C CYS A 119 -21.30 11.97 6.16
N PRO A 120 -22.14 13.01 6.04
CA PRO A 120 -21.72 14.40 5.87
C PRO A 120 -21.03 14.94 7.12
N PRO A 121 -20.14 15.93 6.95
CA PRO A 121 -19.23 16.53 7.93
C PRO A 121 -19.82 16.73 9.34
N GLU A 122 -20.83 17.59 9.46
CA GLU A 122 -21.36 17.92 10.77
C GLU A 122 -21.85 16.72 11.55
N THR A 123 -22.60 15.85 10.87
CA THR A 123 -23.04 14.61 11.49
C THR A 123 -21.87 13.71 11.86
N ALA A 124 -20.81 13.73 11.06
CA ALA A 124 -19.63 12.90 11.33
C ALA A 124 -19.02 13.31 12.68
N VAL A 125 -18.88 14.62 12.87
CA VAL A 125 -18.38 15.18 14.11
C VAL A 125 -19.35 14.86 15.24
N LEU A 126 -20.65 15.06 14.99
CA LEU A 126 -21.66 14.74 15.99
C LEU A 126 -21.55 13.27 16.39
N LEU A 127 -21.35 12.38 15.41
CA LEU A 127 -21.30 10.96 15.72
C LEU A 127 -20.06 10.69 16.54
N ALA A 128 -18.94 11.24 16.10
CA ALA A 128 -17.65 11.00 16.75
C ALA A 128 -17.76 11.31 18.23
N SER A 129 -18.34 12.45 18.58
CA SER A 129 -18.52 12.82 19.98
C SER A 129 -19.26 11.75 20.80
N TYR A 130 -20.29 11.14 20.20
CA TYR A 130 -20.99 10.04 20.85
C TYR A 130 -20.07 8.84 21.01
N ALA A 131 -19.21 8.62 20.02
CA ALA A 131 -18.28 7.51 20.04
C ALA A 131 -17.21 7.69 21.10
N VAL A 132 -16.80 8.94 21.33
CA VAL A 132 -15.79 9.22 22.36
C VAL A 132 -16.42 9.21 23.76
N GLN A 133 -17.61 9.80 23.89
CA GLN A 133 -18.34 9.71 25.14
C GLN A 133 -18.57 8.26 25.55
N ALA A 134 -18.71 7.39 24.56
CA ALA A 134 -18.85 5.95 24.81
C ALA A 134 -17.52 5.40 25.33
N LYS A 135 -16.42 5.82 24.70
CA LYS A 135 -15.13 5.28 25.04
C LYS A 135 -14.64 5.79 26.37
N TYR A 136 -14.65 7.12 26.54
CA TYR A 136 -13.95 7.83 27.61
C TYR A 136 -14.79 8.26 28.80
N GLY A 137 -16.11 8.26 28.64
CA GLY A 137 -17.00 8.80 29.67
C GLY A 137 -16.96 10.32 29.65
N ASP A 138 -17.45 10.94 30.72
CA ASP A 138 -17.53 12.39 30.81
C ASP A 138 -16.20 13.07 30.52
N TYR A 139 -16.26 14.17 29.78
CA TYR A 139 -15.09 14.98 29.54
C TYR A 139 -14.56 15.49 30.86
N ASN A 140 -13.25 15.62 30.96
CA ASN A 140 -12.65 16.13 32.18
C ASN A 140 -11.41 16.98 31.96
N LYS A 141 -11.58 18.29 32.14
CA LYS A 141 -10.48 19.26 32.07
C LYS A 141 -9.17 18.65 32.58
N GLU A 142 -9.23 18.09 33.79
CA GLU A 142 -8.06 17.54 34.49
C GLU A 142 -7.41 16.38 33.73
N ILE A 143 -8.23 15.49 33.17
CA ILE A 143 -7.75 14.30 32.44
C ILE A 143 -7.45 14.61 30.98
N HIS A 144 -8.51 14.74 30.19
CA HIS A 144 -8.42 14.81 28.74
C HIS A 144 -7.75 16.09 28.26
N LYS A 145 -6.44 16.01 28.15
CA LYS A 145 -5.61 17.16 27.81
C LYS A 145 -5.48 17.34 26.29
N PRO A 146 -5.37 18.61 25.85
CA PRO A 146 -5.28 18.96 24.43
C PRO A 146 -4.54 17.92 23.58
N GLY A 147 -5.28 17.06 22.90
CA GLY A 147 -4.70 16.05 22.04
C GLY A 147 -5.01 14.63 22.51
N TYR A 148 -5.81 14.55 23.57
CA TYR A 148 -6.27 13.29 24.10
C TYR A 148 -7.00 12.44 23.05
N LEU A 149 -7.22 13.03 21.87
CA LEU A 149 -7.93 12.38 20.76
C LEU A 149 -7.05 12.19 19.54
N ALA A 150 -5.74 12.36 19.71
CA ALA A 150 -4.82 12.30 18.57
C ALA A 150 -4.63 10.90 18.05
N ASN A 151 -4.86 9.91 18.91
CA ASN A 151 -4.65 8.52 18.55
C ASN A 151 -5.88 7.80 18.01
N ASP A 152 -7.03 8.46 18.12
CA ASP A 152 -8.30 7.85 17.74
C ASP A 152 -8.71 8.18 16.32
N ARG A 153 -9.09 7.14 15.59
CA ARG A 153 -9.61 7.27 14.24
C ARG A 153 -11.07 7.59 14.41
N LEU A 154 -11.42 8.85 14.16
CA LEU A 154 -12.72 9.38 14.57
C LEU A 154 -13.63 9.84 13.45
N LEU A 155 -13.06 10.16 12.29
CA LEU A 155 -13.86 10.74 11.23
C LEU A 155 -13.71 10.04 9.88
N PRO A 156 -14.80 9.95 9.11
CA PRO A 156 -14.73 9.35 7.79
C PRO A 156 -13.60 9.97 7.01
N GLN A 157 -12.82 9.15 6.32
CA GLN A 157 -11.71 9.66 5.55
C GLN A 157 -12.10 10.80 4.59
N ARG A 158 -13.13 10.60 3.77
CA ARG A 158 -13.60 11.62 2.84
C ARG A 158 -13.91 12.94 3.54
N VAL A 159 -14.42 12.86 4.77
CA VAL A 159 -14.67 14.08 5.55
C VAL A 159 -13.39 14.88 5.68
N LEU A 160 -12.30 14.20 6.06
CA LEU A 160 -11.02 14.86 6.26
C LEU A 160 -10.45 15.37 4.94
N GLU A 161 -10.66 14.60 3.88
CA GLU A 161 -10.14 14.94 2.56
C GLU A 161 -10.78 16.16 1.95
N GLN A 162 -12.07 16.36 2.21
CA GLN A 162 -12.84 17.39 1.53
C GLN A 162 -12.82 18.72 2.28
N HIS A 163 -13.17 18.68 3.55
CA HIS A 163 -13.10 19.86 4.41
C HIS A 163 -11.75 19.87 5.09
N LYS A 164 -10.82 20.63 4.54
CA LYS A 164 -9.47 20.69 5.09
C LYS A 164 -9.34 21.62 6.32
N LEU A 165 -9.33 21.00 7.49
CA LEU A 165 -9.01 21.66 8.75
C LEU A 165 -7.78 20.93 9.25
N THR A 166 -7.20 21.38 10.36
CA THR A 166 -6.07 20.67 10.93
C THR A 166 -6.58 19.54 11.82
N LYS A 167 -5.68 18.60 12.13
CA LYS A 167 -6.03 17.45 12.95
C LYS A 167 -6.50 17.92 14.32
N GLU A 168 -5.81 18.92 14.86
CA GLU A 168 -6.14 19.50 16.17
C GLU A 168 -7.37 20.38 16.13
N GLN A 169 -7.80 20.78 14.93
CA GLN A 169 -9.05 21.53 14.78
C GLN A 169 -10.24 20.59 14.87
N TRP A 170 -10.26 19.55 14.04
CA TRP A 170 -11.32 18.56 14.07
C TRP A 170 -11.50 18.02 15.46
N GLU A 171 -10.40 17.94 16.19
CA GLU A 171 -10.40 17.43 17.55
C GLU A 171 -11.06 18.41 18.49
N GLU A 172 -10.74 19.69 18.33
CA GLU A 172 -11.36 20.73 19.15
C GLU A 172 -12.88 20.64 18.96
N ARG A 173 -13.28 20.42 17.71
CA ARG A 173 -14.69 20.32 17.31
C ARG A 173 -15.42 19.16 18.00
N ILE A 174 -14.82 17.99 18.00
CA ILE A 174 -15.43 16.84 18.64
C ILE A 174 -15.41 17.07 20.15
N GLN A 175 -14.31 17.62 20.66
CA GLN A 175 -14.16 17.96 22.08
C GLN A 175 -15.34 18.79 22.54
N ASN A 176 -15.67 19.84 21.77
CA ASN A 176 -16.84 20.68 22.04
C ASN A 176 -18.14 19.90 22.12
N TRP A 177 -18.33 19.00 21.15
CA TRP A 177 -19.47 18.10 21.17
C TRP A 177 -19.35 17.08 22.29
N HIS A 178 -18.12 16.63 22.59
CA HIS A 178 -17.89 15.74 23.73
C HIS A 178 -18.23 16.40 25.06
N GLU A 179 -17.82 17.66 25.22
CA GLU A 179 -18.03 18.39 26.48
C GLU A 179 -19.50 18.43 26.85
N GLU A 180 -20.36 18.36 25.83
CA GLU A 180 -21.79 18.56 26.02
C GLU A 180 -22.54 17.33 26.44
N HIS A 181 -22.04 16.15 26.07
CA HIS A 181 -22.67 14.89 26.50
C HIS A 181 -22.42 14.52 27.98
N ARG A 182 -21.86 15.45 28.75
CA ARG A 182 -21.57 15.20 30.18
C ARG A 182 -22.77 14.58 30.91
N GLY A 183 -22.62 13.30 31.27
CA GLY A 183 -23.65 12.60 32.02
C GLY A 183 -24.23 11.39 31.30
N MET A 184 -23.82 11.20 30.05
CA MET A 184 -24.31 10.08 29.24
C MET A 184 -23.57 8.82 29.64
N LEU A 185 -24.27 7.69 29.58
CA LEU A 185 -23.64 6.42 29.86
C LEU A 185 -23.11 5.77 28.57
N ARG A 186 -21.96 5.12 28.67
CA ARG A 186 -21.39 4.27 27.62
C ARG A 186 -22.45 3.56 26.77
N GLU A 187 -23.49 3.07 27.44
CA GLU A 187 -24.56 2.33 26.78
C GLU A 187 -25.45 3.28 25.99
N ASP A 188 -26.04 4.25 26.67
CA ASP A 188 -26.88 5.24 26.02
C ASP A 188 -26.20 5.88 24.83
N SER A 189 -24.94 6.23 25.02
CA SER A 189 -24.14 6.93 24.01
C SER A 189 -24.11 6.16 22.70
N MET A 190 -23.79 4.87 22.79
CA MET A 190 -23.74 4.00 21.62
C MET A 190 -25.07 3.96 20.92
N MET A 191 -26.16 3.95 21.70
CA MET A 191 -27.51 4.03 21.15
C MET A 191 -27.76 5.37 20.44
N GLU A 192 -27.48 6.48 21.12
CA GLU A 192 -27.65 7.79 20.52
C GLU A 192 -26.91 7.87 19.20
N TYR A 193 -25.76 7.21 19.14
CA TYR A 193 -24.97 7.07 17.91
C TYR A 193 -25.81 6.40 16.86
N LEU A 194 -26.16 5.14 17.08
CA LEU A 194 -27.01 4.37 16.16
C LEU A 194 -28.27 5.11 15.68
N LYS A 195 -29.00 5.73 16.59
CA LYS A 195 -30.21 6.46 16.21
C LYS A 195 -29.95 7.48 15.09
N ILE A 196 -28.77 8.09 15.10
CA ILE A 196 -28.36 9.03 14.07
C ILE A 196 -27.93 8.33 12.78
N ALA A 197 -27.26 7.17 12.90
CA ALA A 197 -26.67 6.46 11.77
C ALA A 197 -27.73 5.81 10.92
N GLN A 198 -28.70 5.21 11.60
CA GLN A 198 -29.77 4.47 10.95
C GLN A 198 -30.59 5.35 10.03
N ASP A 199 -30.35 6.65 10.07
CA ASP A 199 -31.08 7.56 9.21
C ASP A 199 -30.27 7.94 7.99
N LEU A 200 -28.99 7.54 7.98
CA LEU A 200 -28.12 7.79 6.84
C LEU A 200 -28.64 7.05 5.62
N GLU A 201 -28.47 7.66 4.45
CA GLU A 201 -29.11 7.14 3.25
C GLU A 201 -28.55 5.79 2.88
N MET A 202 -27.29 5.55 3.23
CA MET A 202 -26.65 4.29 2.91
C MET A 202 -26.64 3.28 4.07
N TYR A 203 -27.32 3.58 5.16
CA TYR A 203 -27.30 2.67 6.29
C TYR A 203 -28.13 1.43 6.04
N GLY A 204 -27.54 0.27 6.34
CA GLY A 204 -28.20 -1.04 6.26
C GLY A 204 -28.73 -1.45 4.90
N VAL A 205 -27.95 -1.15 3.85
CA VAL A 205 -28.34 -1.45 2.48
C VAL A 205 -27.17 -2.05 1.73
N ASN A 206 -27.37 -3.25 1.19
CA ASN A 206 -26.33 -3.94 0.40
C ASN A 206 -26.41 -3.60 -1.07
N TYR A 207 -25.31 -3.09 -1.59
CA TYR A 207 -25.20 -2.68 -2.99
C TYR A 207 -24.64 -3.78 -3.86
N PHE A 208 -25.19 -3.90 -5.06
CA PHE A 208 -24.65 -4.80 -6.09
C PHE A 208 -24.48 -4.03 -7.39
N GLU A 209 -23.34 -4.22 -8.05
CA GLU A 209 -23.05 -3.55 -9.30
C GLU A 209 -23.73 -4.32 -10.42
N ILE A 210 -24.56 -3.59 -11.18
CA ILE A 210 -25.39 -4.19 -12.23
C ILE A 210 -25.34 -3.36 -13.53
N LYS A 211 -26.01 -3.84 -14.57
CA LYS A 211 -26.24 -3.05 -15.79
C LYS A 211 -27.55 -3.46 -16.46
N ASN A 212 -28.26 -2.48 -17.03
CA ASN A 212 -29.53 -2.74 -17.71
C ASN A 212 -29.31 -3.28 -19.12
N LYS A 213 -30.41 -3.57 -19.81
CA LYS A 213 -30.35 -4.11 -21.18
C LYS A 213 -29.50 -3.23 -22.10
N LYS A 214 -29.55 -1.92 -21.87
CA LYS A 214 -28.78 -0.95 -22.66
C LYS A 214 -27.28 -1.02 -22.34
N GLY A 215 -26.90 -1.83 -21.36
CA GLY A 215 -25.49 -2.04 -21.01
C GLY A 215 -24.81 -0.93 -20.22
N THR A 216 -25.60 -0.04 -19.59
CA THR A 216 -25.06 1.06 -18.77
C THR A 216 -25.00 0.66 -17.31
N GLU A 217 -23.95 1.11 -16.62
CA GLU A 217 -23.65 0.76 -15.21
C GLU A 217 -24.66 1.27 -14.17
N LEU A 218 -25.10 0.39 -13.27
CA LEU A 218 -25.98 0.77 -12.14
C LEU A 218 -25.69 0.04 -10.83
N TRP A 219 -26.38 0.46 -9.77
CA TRP A 219 -26.29 -0.19 -8.46
C TRP A 219 -27.65 -0.66 -8.01
N LEU A 220 -27.69 -1.86 -7.45
CA LEU A 220 -28.89 -2.38 -6.82
C LEU A 220 -28.72 -2.37 -5.30
N GLY A 221 -29.68 -1.77 -4.62
CA GLY A 221 -29.69 -1.74 -3.17
C GLY A 221 -30.78 -2.61 -2.58
N VAL A 222 -30.38 -3.64 -1.83
CA VAL A 222 -31.34 -4.46 -1.12
C VAL A 222 -31.31 -4.03 0.32
N ASP A 223 -32.47 -3.73 0.90
CA ASP A 223 -32.48 -3.36 2.31
C ASP A 223 -33.77 -3.67 3.05
N ALA A 224 -33.74 -3.52 4.37
CA ALA A 224 -34.90 -3.73 5.26
C ALA A 224 -36.25 -3.48 4.61
N LEU A 225 -36.34 -2.47 3.74
CA LEU A 225 -37.61 -2.00 3.17
C LEU A 225 -37.86 -2.34 1.69
N GLY A 226 -36.91 -2.98 1.04
CA GLY A 226 -37.11 -3.35 -0.35
C GLY A 226 -35.89 -3.17 -1.21
N LEU A 227 -36.15 -3.01 -2.50
CA LEU A 227 -35.10 -2.87 -3.47
C LEU A 227 -35.05 -1.41 -3.86
N ASN A 228 -33.87 -0.95 -4.29
CA ASN A 228 -33.67 0.39 -4.85
C ASN A 228 -32.61 0.39 -5.93
N ILE A 229 -32.85 1.14 -7.00
CA ILE A 229 -31.89 1.26 -8.09
C ILE A 229 -31.21 2.62 -8.07
N TYR A 230 -29.88 2.62 -8.15
CA TYR A 230 -29.10 3.85 -8.13
C TYR A 230 -28.29 3.98 -9.41
N GLU A 231 -27.97 5.22 -9.77
CA GLU A 231 -27.05 5.47 -10.86
C GLU A 231 -25.61 5.36 -10.34
N HIS A 232 -24.74 4.75 -11.13
CA HIS A 232 -23.37 4.50 -10.68
C HIS A 232 -22.73 5.70 -10.00
N ASP A 233 -23.05 6.90 -10.48
CA ASP A 233 -22.45 8.15 -9.99
C ASP A 233 -22.95 8.60 -8.61
N ASP A 234 -24.11 8.10 -8.21
CA ASP A 234 -24.73 8.48 -6.94
C ASP A 234 -25.21 7.22 -6.20
N LYS A 235 -24.54 6.87 -5.11
CA LYS A 235 -24.93 5.71 -4.29
C LYS A 235 -26.00 6.07 -3.27
N LEU A 236 -26.30 7.36 -3.11
CA LEU A 236 -27.22 7.88 -2.08
C LEU A 236 -28.70 7.91 -2.46
N THR A 237 -29.02 8.60 -3.55
CA THR A 237 -30.40 8.82 -4.00
C THR A 237 -30.86 7.75 -4.98
N PRO A 238 -32.00 7.10 -4.69
CA PRO A 238 -32.50 6.06 -5.56
C PRO A 238 -33.09 6.68 -6.82
N LYS A 239 -32.86 6.02 -7.95
CA LYS A 239 -33.42 6.44 -9.23
C LYS A 239 -34.83 5.88 -9.30
N ILE A 240 -35.00 4.62 -8.90
CA ILE A 240 -36.33 4.02 -8.75
C ILE A 240 -36.35 3.22 -7.47
N GLY A 241 -37.49 3.24 -6.79
CA GLY A 241 -37.66 2.46 -5.56
C GLY A 241 -38.66 1.35 -5.73
N PHE A 242 -38.50 0.30 -4.92
CA PHE A 242 -39.46 -0.80 -4.86
C PHE A 242 -39.62 -1.30 -3.43
N PRO A 243 -40.56 -0.74 -2.67
CA PRO A 243 -40.85 -1.36 -1.36
C PRO A 243 -41.40 -2.78 -1.52
N TRP A 244 -41.41 -3.55 -0.45
CA TRP A 244 -41.88 -4.93 -0.55
C TRP A 244 -43.34 -4.94 -1.00
N SER A 245 -44.16 -4.15 -0.31
CA SER A 245 -45.58 -3.99 -0.63
C SER A 245 -45.83 -3.77 -2.13
N GLU A 246 -44.95 -3.02 -2.80
CA GLU A 246 -45.11 -2.74 -4.23
C GLU A 246 -44.34 -3.70 -5.17
N ILE A 247 -44.03 -4.90 -4.69
CA ILE A 247 -43.37 -5.93 -5.50
C ILE A 247 -44.13 -7.25 -5.47
N ARG A 248 -44.40 -7.82 -6.66
CA ARG A 248 -45.11 -9.08 -6.77
C ARG A 248 -44.18 -10.29 -6.80
N ASN A 249 -43.23 -10.27 -7.74
CA ASN A 249 -42.35 -11.40 -7.93
C ASN A 249 -40.99 -10.96 -8.45
N ILE A 250 -39.94 -11.46 -7.80
CA ILE A 250 -38.57 -11.33 -8.29
C ILE A 250 -38.03 -12.69 -8.72
N SER A 251 -37.34 -12.68 -9.84
CA SER A 251 -36.76 -13.89 -10.37
C SER A 251 -35.46 -13.61 -11.07
N PHE A 252 -34.66 -14.66 -11.24
CA PHE A 252 -33.50 -14.59 -12.11
C PHE A 252 -33.43 -15.82 -13.01
N ASN A 253 -32.78 -15.67 -14.14
CA ASN A 253 -32.53 -16.76 -15.06
C ASN A 253 -31.18 -16.51 -15.72
N ASP A 254 -30.16 -17.18 -15.20
CA ASP A 254 -28.76 -16.85 -15.48
C ASP A 254 -28.41 -15.45 -14.95
N LYS A 255 -27.72 -14.65 -15.75
CA LYS A 255 -27.23 -13.32 -15.35
C LYS A 255 -28.34 -12.27 -15.34
N LYS A 256 -29.49 -12.62 -15.94
CA LYS A 256 -30.64 -11.74 -16.04
C LYS A 256 -31.59 -11.87 -14.84
N PHE A 257 -31.84 -10.74 -14.19
CA PHE A 257 -32.72 -10.65 -13.03
C PHE A 257 -33.90 -9.76 -13.39
N VAL A 258 -35.10 -10.15 -12.97
CA VAL A 258 -36.29 -9.34 -13.25
C VAL A 258 -37.22 -9.14 -12.05
N ILE A 259 -37.62 -7.89 -11.84
CA ILE A 259 -38.55 -7.53 -10.77
C ILE A 259 -39.92 -7.30 -11.41
N LYS A 260 -40.98 -7.85 -10.81
CA LYS A 260 -42.34 -7.68 -11.32
C LYS A 260 -43.24 -7.01 -10.29
N PRO A 261 -43.76 -5.82 -10.63
CA PRO A 261 -44.49 -4.94 -9.71
C PRO A 261 -45.93 -5.38 -9.49
N ILE A 262 -46.57 -4.85 -8.46
CA ILE A 262 -47.95 -5.22 -8.12
C ILE A 262 -48.97 -4.72 -9.14
N ASP A 263 -48.88 -3.45 -9.51
CA ASP A 263 -49.82 -2.90 -10.46
C ASP A 263 -49.34 -3.22 -11.88
N LYS A 264 -50.25 -3.78 -12.67
CA LYS A 264 -49.92 -4.30 -14.01
C LYS A 264 -49.50 -3.21 -14.99
N LYS A 265 -49.79 -1.95 -14.65
CA LYS A 265 -49.48 -0.82 -15.51
C LYS A 265 -47.99 -0.43 -15.47
N ALA A 266 -47.23 -1.02 -14.56
CA ALA A 266 -45.81 -0.72 -14.40
C ALA A 266 -44.91 -1.67 -15.20
N PRO A 267 -43.92 -1.13 -15.95
CA PRO A 267 -43.06 -1.92 -16.84
C PRO A 267 -41.93 -2.61 -16.07
N ASP A 268 -42.19 -3.83 -15.60
CA ASP A 268 -41.30 -4.56 -14.70
C ASP A 268 -39.80 -4.37 -14.95
N PHE A 269 -39.04 -4.19 -13.86
CA PHE A 269 -37.60 -3.88 -13.94
C PHE A 269 -36.69 -5.08 -14.26
N VAL A 270 -35.71 -4.83 -15.13
CA VAL A 270 -34.80 -5.86 -15.62
C VAL A 270 -33.34 -5.42 -15.59
N PHE A 271 -32.50 -6.21 -14.90
CA PHE A 271 -31.07 -5.96 -14.87
C PHE A 271 -30.19 -7.20 -15.07
N TYR A 272 -28.93 -6.95 -15.43
CA TYR A 272 -27.97 -7.99 -15.76
C TYR A 272 -26.77 -8.05 -14.79
N ALA A 273 -26.72 -9.14 -14.02
CA ALA A 273 -25.62 -9.40 -13.08
C ALA A 273 -24.34 -9.85 -13.81
N PRO A 274 -23.16 -9.65 -13.20
CA PRO A 274 -21.92 -10.01 -13.91
C PRO A 274 -21.62 -11.51 -13.90
N ARG A 275 -22.35 -12.27 -13.08
CA ARG A 275 -22.19 -13.71 -12.97
C ARG A 275 -23.49 -14.26 -12.41
N LEU A 276 -23.68 -15.57 -12.50
CA LEU A 276 -24.92 -16.17 -12.02
C LEU A 276 -25.02 -16.02 -10.52
N ARG A 277 -23.96 -16.42 -9.81
CA ARG A 277 -24.03 -16.52 -8.37
C ARG A 277 -24.32 -15.20 -7.69
N ILE A 278 -23.97 -14.09 -8.37
CA ILE A 278 -24.33 -12.75 -7.91
C ILE A 278 -25.83 -12.61 -7.74
N ASN A 279 -26.62 -13.13 -8.69
CA ASN A 279 -28.08 -13.12 -8.54
C ASN A 279 -28.54 -14.06 -7.42
N LYS A 280 -27.88 -15.21 -7.32
CA LYS A 280 -28.19 -16.16 -6.27
C LYS A 280 -28.22 -15.47 -4.92
N ARG A 281 -27.25 -14.58 -4.72
CA ARG A 281 -27.11 -13.87 -3.45
C ARG A 281 -28.17 -12.80 -3.31
N ILE A 282 -28.37 -12.03 -4.39
CA ILE A 282 -29.39 -11.00 -4.43
C ILE A 282 -30.73 -11.61 -4.04
N LEU A 283 -31.02 -12.79 -4.58
CA LEU A 283 -32.26 -13.50 -4.26
C LEU A 283 -32.29 -13.88 -2.77
N ALA A 284 -31.22 -14.54 -2.32
CA ALA A 284 -31.08 -14.92 -0.93
C ALA A 284 -31.28 -13.72 0.00
N LEU A 285 -30.60 -12.62 -0.28
CA LEU A 285 -30.66 -11.47 0.62
C LEU A 285 -32.08 -10.93 0.77
N CYS A 286 -32.76 -10.77 -0.37
CA CYS A 286 -34.13 -10.26 -0.42
C CYS A 286 -35.07 -11.12 0.40
N MET A 287 -34.94 -12.43 0.23
CA MET A 287 -35.82 -13.38 0.88
C MET A 287 -35.71 -13.22 2.38
N GLY A 288 -34.53 -13.53 2.92
CA GLY A 288 -34.24 -13.33 4.33
C GLY A 288 -34.71 -11.98 4.87
N ASN A 289 -34.48 -10.93 4.08
CA ASN A 289 -34.78 -9.57 4.50
C ASN A 289 -36.28 -9.28 4.54
N HIS A 290 -37.01 -9.75 3.52
CA HIS A 290 -38.46 -9.65 3.43
C HIS A 290 -39.13 -10.45 4.54
N GLU A 291 -38.61 -11.66 4.75
CA GLU A 291 -39.10 -12.54 5.79
C GLU A 291 -39.15 -11.81 7.13
N LEU A 292 -38.06 -11.14 7.50
CA LEU A 292 -38.00 -10.40 8.75
C LEU A 292 -38.95 -9.21 8.72
N TYR A 293 -39.05 -8.57 7.55
CA TYR A 293 -39.98 -7.48 7.33
C TYR A 293 -41.45 -7.90 7.59
N MET A 294 -41.77 -9.16 7.33
CA MET A 294 -43.07 -9.69 7.68
C MET A 294 -43.06 -10.01 9.18
N ARG A 295 -42.17 -10.93 9.59
CA ARG A 295 -42.05 -11.41 10.98
C ARG A 295 -42.21 -10.35 12.10
N ARG A 296 -41.81 -9.11 11.81
CA ARG A 296 -41.97 -8.00 12.78
C ARG A 296 -43.27 -7.20 12.56
N ARG A 297 -44.28 -7.89 12.02
CA ARG A 297 -45.58 -7.30 11.76
C ARG A 297 -46.66 -8.40 11.87
N LYS A 298 -46.58 -9.20 12.92
CA LYS A 298 -47.46 -10.37 13.08
C LYS A 298 -48.08 -10.54 14.48
N PRO A 299 -47.27 -10.89 15.52
CA PRO A 299 -47.91 -11.07 16.83
C PRO A 299 -48.32 -9.72 17.45
N SER B 2 -13.11 4.64 -22.22
CA SER B 2 -12.77 3.22 -21.92
C SER B 2 -11.51 3.08 -21.05
N MET B 3 -11.19 4.12 -20.27
CA MET B 3 -10.10 4.06 -19.28
C MET B 3 -10.35 2.86 -18.36
N PRO B 4 -9.33 1.99 -18.17
CA PRO B 4 -9.61 0.74 -17.49
C PRO B 4 -9.87 0.97 -16.01
N LYS B 5 -10.75 0.15 -15.43
CA LYS B 5 -11.19 0.30 -14.04
C LYS B 5 -10.04 0.08 -13.05
N PRO B 6 -10.20 0.53 -11.78
CA PRO B 6 -9.22 0.21 -10.75
C PRO B 6 -9.39 -1.22 -10.25
N ILE B 7 -8.25 -1.87 -9.99
CA ILE B 7 -8.21 -3.25 -9.51
C ILE B 7 -8.38 -3.29 -8.00
N ASN B 8 -9.32 -4.11 -7.53
CA ASN B 8 -9.60 -4.26 -6.11
C ASN B 8 -8.68 -5.27 -5.41
N VAL B 9 -8.09 -4.85 -4.28
CA VAL B 9 -7.19 -5.74 -3.55
C VAL B 9 -7.45 -5.69 -2.05
N ARG B 10 -7.00 -6.74 -1.35
CA ARG B 10 -7.16 -6.87 0.08
C ARG B 10 -5.90 -7.40 0.77
N VAL B 11 -5.13 -6.51 1.38
CA VAL B 11 -3.93 -6.89 2.08
C VAL B 11 -4.29 -7.13 3.52
N THR B 12 -3.92 -8.31 4.04
CA THR B 12 -4.22 -8.65 5.43
C THR B 12 -2.95 -8.88 6.21
N THR B 13 -2.84 -8.19 7.34
CA THR B 13 -1.73 -8.38 8.27
C THR B 13 -2.17 -9.44 9.27
N MET B 14 -1.42 -9.62 10.35
CA MET B 14 -1.81 -10.57 11.38
C MET B 14 -3.00 -10.10 12.19
N ASP B 15 -3.18 -8.77 12.30
CA ASP B 15 -4.34 -8.24 13.04
C ASP B 15 -5.12 -7.08 12.42
N ALA B 16 -4.99 -6.89 11.10
CA ALA B 16 -5.74 -5.84 10.42
C ALA B 16 -6.01 -6.22 8.98
N GLU B 17 -7.17 -5.79 8.51
CA GLU B 17 -7.62 -6.11 7.15
C GLU B 17 -7.68 -4.79 6.39
N LEU B 18 -6.98 -4.71 5.26
CA LEU B 18 -6.96 -3.47 4.47
C LEU B 18 -7.51 -3.69 3.06
N GLU B 19 -8.48 -2.87 2.67
CA GLU B 19 -9.09 -2.96 1.34
C GLU B 19 -8.69 -1.79 0.42
N PHE B 20 -8.45 -2.07 -0.85
CA PHE B 20 -7.91 -1.08 -1.77
C PHE B 20 -8.63 -1.05 -3.08
N ALA B 21 -8.23 -0.06 -3.87
CA ALA B 21 -8.46 0.01 -5.28
C ALA B 21 -7.14 0.52 -5.87
N ILE B 22 -6.52 -0.31 -6.69
CA ILE B 22 -5.22 -0.02 -7.28
C ILE B 22 -5.36 0.31 -8.76
N GLN B 23 -4.51 1.20 -9.26
CA GLN B 23 -4.50 1.52 -10.71
C GLN B 23 -3.84 0.42 -11.53
N PRO B 24 -4.39 0.12 -12.71
CA PRO B 24 -3.90 -0.91 -13.61
C PRO B 24 -2.39 -1.09 -13.60
N ASN B 25 -1.64 0.01 -13.65
CA ASN B 25 -0.19 -0.10 -13.78
C ASN B 25 0.63 0.10 -12.51
N THR B 26 -0.03 0.02 -11.36
CA THR B 26 0.66 0.21 -10.07
C THR B 26 1.60 -0.97 -9.77
N THR B 27 2.80 -0.64 -9.32
CA THR B 27 3.85 -1.63 -9.09
C THR B 27 3.78 -2.18 -7.67
N GLY B 28 4.25 -3.42 -7.50
CA GLY B 28 4.23 -4.10 -6.22
C GLY B 28 4.88 -3.29 -5.12
N LYS B 29 5.84 -2.46 -5.52
CA LYS B 29 6.54 -1.57 -4.60
C LYS B 29 5.60 -0.49 -4.10
N GLN B 30 4.88 0.13 -5.02
CA GLN B 30 3.90 1.16 -4.69
C GLN B 30 2.84 0.60 -3.75
N LEU B 31 2.36 -0.60 -4.08
CA LEU B 31 1.41 -1.30 -3.24
C LEU B 31 2.01 -1.56 -1.87
N PHE B 32 3.24 -2.06 -1.86
CA PHE B 32 3.90 -2.32 -0.59
C PHE B 32 3.95 -1.03 0.22
N ASP B 33 4.39 0.05 -0.41
CA ASP B 33 4.55 1.32 0.29
C ASP B 33 3.22 1.77 0.87
N GLN B 34 2.19 1.64 0.05
CA GLN B 34 0.83 1.94 0.46
C GLN B 34 0.43 1.15 1.70
N VAL B 35 0.73 -0.16 1.70
CA VAL B 35 0.41 -1.05 2.81
C VAL B 35 1.14 -0.59 4.05
N VAL B 36 2.43 -0.33 3.89
CA VAL B 36 3.30 0.01 5.01
C VAL B 36 2.90 1.36 5.64
N LYS B 37 2.61 2.33 4.77
CA LYS B 37 2.17 3.68 5.14
C LYS B 37 1.02 3.61 6.12
N THR B 38 0.01 2.80 5.79
CA THR B 38 -1.24 2.84 6.56
C THR B 38 -1.14 2.11 7.90
N VAL B 39 -0.21 1.20 8.05
CA VAL B 39 -0.10 0.48 9.32
C VAL B 39 0.97 1.05 10.26
N GLY B 40 1.53 2.19 9.89
CA GLY B 40 2.55 2.84 10.69
C GLY B 40 3.77 1.97 10.93
N LEU B 41 4.18 1.23 9.91
CA LEU B 41 5.35 0.38 10.03
C LEU B 41 6.55 1.10 9.45
N ARG B 42 7.68 1.07 10.15
CA ARG B 42 8.92 1.64 9.58
C ARG B 42 9.95 0.58 9.23
N GLU B 43 10.05 -0.46 10.05
CA GLU B 43 11.05 -1.51 9.88
C GLU B 43 10.71 -2.46 8.70
N VAL B 44 10.52 -1.88 7.52
CA VAL B 44 9.88 -2.54 6.40
C VAL B 44 10.68 -3.61 5.66
N TRP B 45 11.96 -3.76 5.99
CA TRP B 45 12.84 -4.70 5.28
C TRP B 45 12.50 -6.17 5.53
N PHE B 46 12.13 -6.47 6.78
CA PHE B 46 11.69 -7.81 7.16
C PHE B 46 10.52 -8.32 6.34
N PHE B 47 9.66 -7.40 5.91
CA PHE B 47 8.35 -7.74 5.38
C PHE B 47 8.29 -7.77 3.86
N GLY B 48 7.38 -8.58 3.33
CA GLY B 48 7.02 -8.60 1.92
C GLY B 48 5.56 -9.02 1.81
N LEU B 49 5.03 -9.09 0.58
CA LEU B 49 3.62 -9.43 0.33
C LEU B 49 3.51 -10.81 -0.30
N GLN B 50 2.44 -11.54 0.03
CA GLN B 50 2.26 -12.92 -0.43
C GLN B 50 0.94 -13.12 -1.14
N TYR B 51 0.97 -13.86 -2.24
CA TYR B 51 -0.25 -14.22 -2.95
C TYR B 51 -0.16 -15.64 -3.50
N VAL B 52 -1.33 -16.24 -3.73
CA VAL B 52 -1.44 -17.52 -4.42
C VAL B 52 -1.63 -17.23 -5.91
N ASP B 53 -0.76 -17.83 -6.73
CA ASP B 53 -0.83 -17.66 -8.19
C ASP B 53 -1.88 -18.57 -8.81
N SER B 54 -2.23 -18.33 -10.08
CA SER B 54 -3.29 -19.10 -10.75
C SER B 54 -3.25 -20.60 -10.47
N LYS B 55 -2.03 -21.16 -10.44
CA LYS B 55 -1.80 -22.58 -10.13
C LYS B 55 -2.23 -22.99 -8.73
N GLY B 56 -1.58 -22.41 -7.71
CA GLY B 56 -1.89 -22.69 -6.30
C GLY B 56 -0.73 -22.37 -5.38
N TYR B 57 0.40 -22.00 -5.99
CA TYR B 57 1.65 -21.79 -5.27
C TYR B 57 1.65 -20.45 -4.56
N SER B 58 1.80 -20.50 -3.24
CA SER B 58 2.00 -19.33 -2.43
C SER B 58 3.29 -18.62 -2.85
N THR B 59 3.15 -17.48 -3.51
CA THR B 59 4.28 -16.74 -4.07
C THR B 59 4.46 -15.37 -3.43
N TRP B 60 5.71 -14.94 -3.28
CA TRP B 60 5.99 -13.57 -2.85
C TRP B 60 5.82 -12.63 -4.03
N LEU B 61 5.37 -11.40 -3.75
CA LEU B 61 5.05 -10.43 -4.78
C LEU B 61 6.29 -9.57 -5.15
N LYS B 62 6.74 -9.66 -6.40
CA LYS B 62 7.93 -8.92 -6.85
C LYS B 62 7.64 -7.43 -7.00
N LEU B 63 8.44 -6.60 -6.32
CA LEU B 63 8.16 -5.17 -6.21
C LEU B 63 8.48 -4.41 -7.49
N ASN B 64 9.50 -4.87 -8.19
CA ASN B 64 9.93 -4.23 -9.42
C ASN B 64 9.05 -4.59 -10.64
N LYS B 65 7.91 -5.23 -10.39
CA LYS B 65 6.95 -5.53 -11.45
C LYS B 65 5.56 -5.00 -11.11
N LYS B 66 4.68 -4.96 -12.12
CA LYS B 66 3.30 -4.55 -11.90
C LYS B 66 2.53 -5.76 -11.36
N VAL B 67 1.54 -5.51 -10.52
CA VAL B 67 0.78 -6.60 -9.89
C VAL B 67 -0.12 -7.38 -10.86
N THR B 68 -0.52 -6.73 -11.96
CA THR B 68 -1.35 -7.38 -12.97
C THR B 68 -0.59 -8.43 -13.78
N GLN B 69 0.74 -8.32 -13.79
CA GLN B 69 1.58 -9.23 -14.58
C GLN B 69 2.28 -10.31 -13.75
N GLN B 70 1.78 -10.61 -12.56
CA GLN B 70 2.45 -11.59 -11.70
C GLN B 70 1.65 -12.88 -11.53
N ASP B 71 0.60 -13.00 -12.35
CA ASP B 71 -0.23 -14.19 -12.39
C ASP B 71 -0.91 -14.49 -11.06
N VAL B 72 -1.30 -13.44 -10.35
CA VAL B 72 -2.03 -13.58 -9.08
C VAL B 72 -3.41 -14.19 -9.37
N LYS B 73 -3.84 -15.14 -8.55
CA LYS B 73 -5.14 -15.79 -8.71
C LYS B 73 -6.28 -14.80 -8.92
N LYS B 74 -7.08 -15.05 -9.95
CA LYS B 74 -8.19 -14.17 -10.29
C LYS B 74 -9.39 -14.23 -9.32
N GLU B 75 -9.28 -13.48 -8.23
CA GLU B 75 -10.38 -13.32 -7.28
C GLU B 75 -10.77 -11.86 -7.36
N ASN B 76 -12.03 -11.51 -7.07
CA ASN B 76 -12.40 -10.10 -7.23
C ASN B 76 -11.53 -9.23 -6.36
N PRO B 77 -11.82 -9.12 -5.04
CA PRO B 77 -10.73 -8.45 -4.35
C PRO B 77 -9.57 -9.43 -4.41
N LEU B 78 -8.52 -9.05 -5.13
CA LEU B 78 -7.23 -9.74 -5.06
C LEU B 78 -6.83 -9.82 -3.59
N GLN B 79 -6.40 -10.98 -3.13
CA GLN B 79 -5.99 -11.08 -1.75
C GLN B 79 -4.50 -11.30 -1.61
N PHE B 80 -3.91 -10.47 -0.76
CA PHE B 80 -2.51 -10.58 -0.42
C PHE B 80 -2.35 -10.75 1.07
N LYS B 81 -1.25 -11.37 1.47
CA LYS B 81 -0.92 -11.53 2.85
C LYS B 81 0.29 -10.64 3.10
N PHE B 82 0.26 -9.87 4.18
CA PHE B 82 1.41 -9.09 4.58
C PHE B 82 2.05 -9.87 5.72
N ARG B 83 3.25 -10.43 5.45
CA ARG B 83 3.97 -11.28 6.40
C ARG B 83 5.44 -10.89 6.48
N ALA B 84 6.07 -11.19 7.61
CA ALA B 84 7.50 -11.03 7.74
C ALA B 84 8.13 -12.08 6.84
N LYS B 85 9.04 -11.64 5.98
CA LYS B 85 9.77 -12.53 5.06
C LYS B 85 11.15 -12.89 5.60
N PHE B 86 11.78 -11.95 6.29
CA PHE B 86 13.14 -12.13 6.81
C PHE B 86 13.13 -11.94 8.31
N PHE B 87 13.82 -12.81 9.04
CA PHE B 87 13.76 -12.75 10.49
C PHE B 87 15.05 -12.17 11.06
N PRO B 88 14.95 -11.48 12.21
CA PRO B 88 16.16 -10.88 12.70
C PRO B 88 17.07 -11.95 13.30
N GLU B 89 18.36 -11.64 13.37
CA GLU B 89 19.34 -12.48 14.05
C GLU B 89 19.04 -12.51 15.54
N ASP B 90 18.76 -11.34 16.11
CA ASP B 90 18.21 -11.28 17.46
C ASP B 90 17.05 -10.29 17.55
N VAL B 91 15.90 -10.83 17.90
CA VAL B 91 14.66 -10.07 18.01
C VAL B 91 14.83 -8.79 18.84
N SER B 92 15.33 -8.94 20.07
CA SER B 92 15.38 -7.82 21.03
C SER B 92 16.34 -6.71 20.63
N GLU B 93 17.23 -6.98 19.70
CA GLU B 93 18.06 -5.92 19.17
C GLU B 93 17.47 -5.30 17.90
N GLU B 94 16.76 -6.09 17.10
CA GLU B 94 16.34 -5.63 15.77
C GLU B 94 14.86 -5.27 15.61
N LEU B 95 14.09 -5.37 16.67
CA LEU B 95 12.68 -4.99 16.63
C LEU B 95 12.40 -3.86 17.61
N ILE B 96 12.13 -2.66 17.08
CA ILE B 96 12.11 -1.47 17.92
C ILE B 96 10.69 -0.96 18.16
N GLN B 97 9.92 -0.84 17.09
CA GLN B 97 8.56 -0.34 17.16
C GLN B 97 7.62 -1.36 17.73
N GLU B 98 6.85 -0.95 18.73
CA GLU B 98 5.79 -1.78 19.30
C GLU B 98 5.02 -2.48 18.16
N ILE B 99 4.78 -1.78 17.07
CA ILE B 99 4.10 -2.39 15.91
C ILE B 99 4.85 -3.60 15.31
N THR B 100 6.09 -3.39 14.86
CA THR B 100 6.91 -4.44 14.23
C THR B 100 6.92 -5.69 15.11
N GLN B 101 7.16 -5.48 16.40
CA GLN B 101 7.14 -6.55 17.37
C GLN B 101 5.87 -7.40 17.31
N ARG B 102 4.71 -6.77 17.40
CA ARG B 102 3.44 -7.50 17.43
C ARG B 102 3.19 -8.33 16.15
N LEU B 103 3.52 -7.75 15.00
CA LEU B 103 3.31 -8.44 13.74
C LEU B 103 4.21 -9.67 13.56
N PHE B 104 5.35 -9.69 14.25
CA PHE B 104 6.21 -10.87 14.27
C PHE B 104 5.63 -11.90 15.23
N PHE B 105 5.39 -11.48 16.47
CA PHE B 105 4.77 -12.30 17.50
C PHE B 105 3.55 -13.04 16.96
N LEU B 106 2.64 -12.30 16.33
CA LEU B 106 1.38 -12.90 15.92
C LEU B 106 1.61 -13.94 14.85
N GLN B 107 2.52 -13.62 13.93
CA GLN B 107 2.96 -14.52 12.88
C GLN B 107 3.70 -15.73 13.47
N VAL B 108 4.83 -15.49 14.13
CA VAL B 108 5.62 -16.58 14.73
C VAL B 108 4.75 -17.51 15.57
N LYS B 109 4.02 -16.92 16.52
CA LYS B 109 3.10 -17.68 17.35
C LYS B 109 2.24 -18.61 16.51
N GLU B 110 1.48 -18.07 15.55
CA GLU B 110 0.52 -18.91 14.84
C GLU B 110 1.16 -19.99 13.96
N ALA B 111 2.41 -19.78 13.57
CA ALA B 111 3.17 -20.82 12.89
C ALA B 111 3.44 -21.95 13.86
N ILE B 112 3.84 -21.60 15.08
CA ILE B 112 4.05 -22.54 16.17
C ILE B 112 2.78 -23.35 16.45
N LEU B 113 1.65 -22.65 16.51
CA LEU B 113 0.36 -23.31 16.64
C LEU B 113 0.07 -24.29 15.51
N ASN B 114 0.61 -24.01 14.33
CA ASN B 114 0.31 -24.81 13.15
C ASN B 114 1.32 -25.90 12.89
N ASP B 115 2.26 -26.06 13.81
CA ASP B 115 3.31 -27.06 13.67
C ASP B 115 4.31 -26.75 12.56
N GLU B 116 4.25 -25.54 12.02
CA GLU B 116 5.19 -25.12 11.00
C GLU B 116 6.54 -24.86 11.63
N ILE B 117 6.56 -24.61 12.94
CA ILE B 117 7.79 -24.48 13.73
C ILE B 117 7.66 -25.40 14.92
N TYR B 118 8.51 -26.42 14.97
CA TYR B 118 8.44 -27.41 16.05
C TYR B 118 8.71 -26.75 17.39
N CYS B 119 7.88 -27.10 18.36
CA CYS B 119 8.05 -26.66 19.73
C CYS B 119 7.69 -27.83 20.65
N PRO B 120 8.67 -28.30 21.44
CA PRO B 120 8.42 -29.33 22.46
C PRO B 120 7.41 -28.82 23.47
N PRO B 121 6.81 -29.74 24.26
CA PRO B 121 5.62 -29.45 25.03
C PRO B 121 5.83 -28.54 26.23
N GLU B 122 6.88 -28.74 27.01
CA GLU B 122 7.09 -27.85 28.14
C GLU B 122 7.32 -26.41 27.72
N THR B 123 8.16 -26.21 26.69
CA THR B 123 8.39 -24.89 26.09
C THR B 123 7.08 -24.34 25.53
N ALA B 124 6.29 -25.24 24.93
CA ALA B 124 5.00 -24.87 24.30
C ALA B 124 3.99 -24.29 25.26
N VAL B 125 3.89 -24.88 26.45
CA VAL B 125 2.98 -24.38 27.45
C VAL B 125 3.41 -22.99 27.89
N LEU B 126 4.69 -22.84 28.22
CA LEU B 126 5.28 -21.56 28.66
C LEU B 126 5.09 -20.46 27.62
N LEU B 127 5.37 -20.77 26.36
CA LEU B 127 5.08 -19.85 25.30
C LEU B 127 3.62 -19.45 25.43
N ALA B 128 2.75 -20.44 25.59
CA ALA B 128 1.32 -20.18 25.58
C ALA B 128 0.97 -19.25 26.73
N SER B 129 1.58 -19.47 27.89
CA SER B 129 1.31 -18.64 29.05
C SER B 129 1.65 -17.19 28.77
N TYR B 130 2.78 -16.96 28.13
CA TYR B 130 3.16 -15.63 27.68
C TYR B 130 2.13 -14.97 26.77
N ALA B 131 1.63 -15.70 25.78
CA ALA B 131 0.58 -15.18 24.92
C ALA B 131 -0.61 -14.85 25.80
N VAL B 132 -0.95 -15.78 26.68
CA VAL B 132 -2.10 -15.61 27.56
C VAL B 132 -1.97 -14.30 28.32
N GLN B 133 -0.80 -14.08 28.93
CA GLN B 133 -0.50 -12.83 29.66
C GLN B 133 -0.60 -11.61 28.76
N ALA B 134 -0.10 -11.72 27.53
CA ALA B 134 -0.14 -10.59 26.60
C ALA B 134 -1.54 -10.32 26.05
N LYS B 135 -2.49 -11.21 26.34
CA LYS B 135 -3.84 -11.01 25.85
C LYS B 135 -4.73 -10.53 26.98
N TYR B 136 -4.67 -11.23 28.12
CA TYR B 136 -5.59 -10.99 29.22
C TYR B 136 -5.02 -10.08 30.31
N GLY B 137 -3.74 -9.74 30.19
CA GLY B 137 -3.07 -8.94 31.22
C GLY B 137 -2.81 -9.85 32.40
N ASP B 138 -2.71 -9.26 33.59
CA ASP B 138 -2.48 -10.03 34.82
C ASP B 138 -3.56 -11.07 35.07
N TYR B 139 -3.18 -12.17 35.70
CA TYR B 139 -4.15 -13.13 36.16
C TYR B 139 -4.97 -12.57 37.33
N ASN B 140 -6.28 -12.77 37.28
CA ASN B 140 -7.17 -12.33 38.35
C ASN B 140 -8.17 -13.42 38.74
N LYS B 141 -8.01 -13.95 39.96
CA LYS B 141 -8.86 -15.02 40.51
C LYS B 141 -10.34 -14.78 40.24
N GLU B 142 -10.78 -13.56 40.53
CA GLU B 142 -12.17 -13.14 40.35
C GLU B 142 -12.58 -13.21 38.89
N ILE B 143 -11.80 -12.56 38.02
CA ILE B 143 -12.15 -12.35 36.61
C ILE B 143 -12.00 -13.60 35.72
N HIS B 144 -10.86 -14.26 35.81
CA HIS B 144 -10.62 -15.45 35.00
C HIS B 144 -11.03 -16.68 35.79
N LYS B 145 -12.33 -16.89 35.97
CA LYS B 145 -12.82 -18.10 36.65
C LYS B 145 -12.46 -19.34 35.80
N PRO B 146 -12.61 -20.57 36.34
CA PRO B 146 -12.15 -21.74 35.57
C PRO B 146 -12.69 -21.81 34.15
N GLY B 147 -11.88 -22.33 33.23
CA GLY B 147 -12.27 -22.47 31.84
C GLY B 147 -12.31 -21.14 31.11
N TYR B 148 -11.58 -20.16 31.63
CA TYR B 148 -11.49 -18.85 31.00
C TYR B 148 -10.62 -18.94 29.77
N LEU B 149 -9.98 -20.08 29.59
CA LEU B 149 -9.21 -20.33 28.36
C LEU B 149 -9.84 -21.42 27.48
N ALA B 150 -11.15 -21.63 27.63
CA ALA B 150 -11.83 -22.64 26.83
C ALA B 150 -11.98 -22.21 25.37
N ASN B 151 -11.81 -20.92 25.11
CA ASN B 151 -12.02 -20.40 23.77
C ASN B 151 -10.79 -19.91 23.05
N ASP B 152 -9.62 -20.30 23.54
CA ASP B 152 -8.35 -19.96 22.90
C ASP B 152 -7.66 -21.21 22.35
N ARG B 153 -6.87 -21.01 21.30
CA ARG B 153 -6.05 -22.07 20.76
C ARG B 153 -4.63 -21.82 21.23
N LEU B 154 -4.14 -22.71 22.10
CA LEU B 154 -2.89 -22.46 22.86
C LEU B 154 -1.65 -23.31 22.54
N LEU B 155 -1.84 -24.62 22.47
CA LEU B 155 -0.74 -25.55 22.19
C LEU B 155 -0.83 -25.97 20.74
N PRO B 156 0.30 -26.41 20.16
CA PRO B 156 0.31 -26.95 18.79
C PRO B 156 -0.46 -28.27 18.75
N GLN B 157 -0.73 -28.81 17.56
CA GLN B 157 -1.44 -30.09 17.52
C GLN B 157 -0.54 -31.26 17.93
N ARG B 158 0.61 -31.37 17.28
CA ARG B 158 1.56 -32.45 17.56
C ARG B 158 1.78 -32.65 19.06
N VAL B 159 1.53 -31.61 19.86
CA VAL B 159 1.70 -31.64 21.30
C VAL B 159 0.49 -32.23 22.01
N LEU B 160 -0.69 -31.72 21.69
CA LEU B 160 -1.94 -32.25 22.22
C LEU B 160 -2.05 -33.73 21.84
N GLU B 161 -1.61 -34.04 20.62
CA GLU B 161 -1.61 -35.39 20.09
C GLU B 161 -0.72 -36.34 20.91
N GLN B 162 0.55 -36.00 21.06
CA GLN B 162 1.51 -36.91 21.66
C GLN B 162 1.37 -37.11 23.18
N HIS B 163 0.37 -36.47 23.79
CA HIS B 163 0.10 -36.64 25.23
C HIS B 163 -1.35 -37.00 25.52
N LYS B 164 -1.62 -37.40 26.76
CA LYS B 164 -2.97 -37.81 27.15
C LYS B 164 -3.58 -36.91 28.22
N LEU B 165 -3.73 -35.62 27.91
CA LEU B 165 -4.31 -34.67 28.86
C LEU B 165 -5.62 -34.05 28.37
N THR B 166 -6.59 -33.93 29.28
CA THR B 166 -7.87 -33.30 28.96
C THR B 166 -7.64 -31.83 28.60
N LYS B 167 -8.57 -31.25 27.84
CA LYS B 167 -8.47 -29.85 27.49
C LYS B 167 -8.30 -29.01 28.75
N GLU B 168 -9.13 -29.28 29.74
CA GLU B 168 -9.12 -28.53 30.99
C GLU B 168 -7.80 -28.69 31.74
N GLN B 169 -7.11 -29.81 31.51
CA GLN B 169 -5.85 -30.12 32.18
C GLN B 169 -4.73 -29.26 31.62
N TRP B 170 -4.73 -29.11 30.30
CA TRP B 170 -3.77 -28.24 29.66
C TRP B 170 -3.98 -26.79 30.15
N GLU B 171 -5.25 -26.37 30.19
CA GLU B 171 -5.57 -24.99 30.58
C GLU B 171 -5.08 -24.73 32.00
N GLU B 172 -5.32 -25.70 32.88
CA GLU B 172 -4.92 -25.62 34.27
C GLU B 172 -3.41 -25.40 34.34
N ARG B 173 -2.68 -26.04 33.43
CA ARG B 173 -1.23 -25.89 33.38
C ARG B 173 -0.88 -24.50 32.88
N ILE B 174 -1.41 -24.14 31.71
CA ILE B 174 -1.20 -22.81 31.15
C ILE B 174 -1.49 -21.71 32.19
N GLN B 175 -2.48 -21.94 33.04
CA GLN B 175 -2.86 -20.96 34.07
C GLN B 175 -1.78 -20.81 35.15
N ASN B 176 -1.21 -21.94 35.59
CA ASN B 176 -0.15 -21.93 36.62
C ASN B 176 1.03 -21.09 36.18
N TRP B 177 1.41 -21.23 34.92
CA TRP B 177 2.40 -20.38 34.31
C TRP B 177 1.88 -18.95 34.24
N HIS B 178 0.70 -18.75 33.65
CA HIS B 178 0.11 -17.43 33.56
C HIS B 178 0.24 -16.68 34.89
N GLU B 179 -0.15 -17.36 35.97
CA GLU B 179 -0.16 -16.75 37.29
C GLU B 179 1.17 -16.15 37.66
N GLU B 180 2.24 -16.91 37.42
CA GLU B 180 3.58 -16.47 37.81
C GLU B 180 4.04 -15.27 36.96
N HIS B 181 3.42 -15.03 35.82
CA HIS B 181 3.77 -13.89 34.98
C HIS B 181 3.22 -12.59 35.53
N ARG B 182 2.60 -12.64 36.72
CA ARG B 182 1.92 -11.49 37.32
C ARG B 182 2.75 -10.22 37.20
N GLY B 183 2.10 -9.17 36.72
CA GLY B 183 2.69 -7.83 36.69
C GLY B 183 3.44 -7.45 35.43
N MET B 184 3.33 -8.29 34.40
CA MET B 184 4.11 -8.14 33.18
C MET B 184 3.36 -7.38 32.09
N LEU B 185 3.99 -6.33 31.57
CA LEU B 185 3.39 -5.51 30.51
C LEU B 185 3.05 -6.28 29.23
N ARG B 186 1.85 -6.05 28.71
CA ARG B 186 1.38 -6.67 27.48
C ARG B 186 2.44 -6.77 26.37
N GLU B 187 3.13 -5.65 26.13
CA GLU B 187 4.17 -5.58 25.10
C GLU B 187 5.37 -6.45 25.44
N ASP B 188 5.77 -6.43 26.72
CA ASP B 188 6.88 -7.24 27.21
C ASP B 188 6.64 -8.73 27.01
N SER B 189 5.41 -9.18 27.20
CA SER B 189 5.06 -10.60 27.04
C SER B 189 5.31 -11.09 25.62
N MET B 190 4.98 -10.25 24.64
CA MET B 190 5.16 -10.62 23.25
C MET B 190 6.63 -10.69 22.93
N MET B 191 7.41 -9.83 23.58
CA MET B 191 8.85 -9.86 23.41
C MET B 191 9.46 -11.08 24.09
N GLU B 192 9.06 -11.36 25.32
CA GLU B 192 9.49 -12.57 25.99
C GLU B 192 9.19 -13.76 25.11
N TYR B 193 7.93 -13.89 24.70
CA TYR B 193 7.52 -14.94 23.77
C TYR B 193 8.54 -15.15 22.68
N LEU B 194 8.82 -14.12 21.89
CA LEU B 194 9.77 -14.22 20.77
C LEU B 194 11.17 -14.63 21.19
N LYS B 195 11.64 -14.05 22.30
CA LYS B 195 12.98 -14.37 22.82
C LYS B 195 13.17 -15.87 23.04
N ILE B 196 12.07 -16.54 23.32
CA ILE B 196 12.04 -17.98 23.39
C ILE B 196 11.87 -18.59 21.99
N ALA B 197 10.88 -18.14 21.23
CA ALA B 197 10.59 -18.70 19.91
C ALA B 197 11.78 -18.70 18.96
N GLN B 198 12.56 -17.62 19.03
CA GLN B 198 13.70 -17.39 18.13
C GLN B 198 14.85 -18.36 18.35
N ASP B 199 14.71 -19.24 19.34
CA ASP B 199 15.75 -20.22 19.62
C ASP B 199 15.38 -21.56 19.02
N LEU B 200 14.08 -21.83 18.90
CA LEU B 200 13.63 -23.08 18.33
C LEU B 200 14.29 -23.22 16.98
N GLU B 201 14.67 -24.44 16.64
CA GLU B 201 15.51 -24.65 15.46
C GLU B 201 14.76 -24.31 14.18
N MET B 202 13.50 -24.70 14.12
CA MET B 202 12.65 -24.45 12.95
C MET B 202 12.43 -22.97 12.66
N TYR B 203 12.59 -22.15 13.71
CA TYR B 203 12.31 -20.71 13.64
C TYR B 203 13.10 -19.98 12.57
N GLY B 204 12.37 -19.18 11.79
CA GLY B 204 12.96 -18.41 10.70
C GLY B 204 13.93 -19.16 9.82
N VAL B 205 13.50 -20.32 9.32
CA VAL B 205 14.28 -21.01 8.30
C VAL B 205 13.39 -21.60 7.20
N ASN B 206 13.67 -21.21 5.95
CA ASN B 206 12.90 -21.64 4.79
C ASN B 206 13.43 -22.97 4.26
N TYR B 207 12.58 -23.99 4.29
CA TYR B 207 12.95 -25.32 3.87
C TYR B 207 12.44 -25.56 2.47
N PHE B 208 13.28 -26.15 1.63
CA PHE B 208 12.89 -26.54 0.28
C PHE B 208 13.31 -27.97 0.05
N GLU B 209 12.44 -28.74 -0.60
CA GLU B 209 12.73 -30.14 -0.89
C GLU B 209 13.77 -30.26 -2.00
N ILE B 210 14.87 -30.97 -1.72
CA ILE B 210 15.93 -31.16 -2.71
C ILE B 210 16.45 -32.59 -2.78
N LYS B 211 17.40 -32.81 -3.69
CA LYS B 211 18.04 -34.09 -3.91
C LYS B 211 19.49 -33.82 -4.30
N ASN B 212 20.44 -34.53 -3.68
CA ASN B 212 21.87 -34.38 -4.05
C ASN B 212 22.27 -35.32 -5.18
N LYS B 213 23.51 -35.16 -5.67
CA LYS B 213 24.06 -35.94 -6.80
C LYS B 213 23.60 -37.42 -6.83
N LYS B 214 23.81 -38.14 -5.73
CA LYS B 214 23.41 -39.55 -5.61
C LYS B 214 21.91 -39.74 -5.81
N GLY B 215 21.13 -38.75 -5.42
CA GLY B 215 19.68 -38.81 -5.55
C GLY B 215 18.97 -39.07 -4.24
N THR B 216 19.61 -38.69 -3.14
CA THR B 216 19.03 -38.86 -1.82
C THR B 216 18.24 -37.61 -1.37
N GLU B 217 17.00 -37.87 -0.95
CA GLU B 217 16.05 -36.83 -0.57
C GLU B 217 16.53 -35.99 0.60
N LEU B 218 16.69 -34.69 0.37
CA LEU B 218 17.17 -33.80 1.42
C LEU B 218 16.35 -32.52 1.54
N TRP B 219 16.56 -31.79 2.64
CA TRP B 219 15.98 -30.47 2.84
C TRP B 219 17.06 -29.41 2.82
N LEU B 220 16.85 -28.37 2.04
CA LEU B 220 17.74 -27.21 2.06
C LEU B 220 17.13 -26.13 2.95
N GLY B 221 17.92 -25.63 3.89
CA GLY B 221 17.48 -24.56 4.77
C GLY B 221 18.21 -23.25 4.52
N VAL B 222 17.43 -22.21 4.16
CA VAL B 222 17.94 -20.84 4.08
C VAL B 222 17.43 -20.06 5.27
N ASP B 223 18.33 -19.39 5.97
CA ASP B 223 17.97 -18.59 7.13
C ASP B 223 18.84 -17.35 7.18
N ALA B 224 18.75 -16.61 8.29
CA ALA B 224 19.46 -15.35 8.44
C ALA B 224 20.97 -15.51 8.37
N LEU B 225 21.46 -16.71 8.68
CA LEU B 225 22.90 -16.96 8.79
C LEU B 225 23.55 -17.64 7.58
N GLY B 226 22.73 -18.28 6.74
CA GLY B 226 23.24 -19.00 5.59
C GLY B 226 22.38 -20.21 5.28
N LEU B 227 23.03 -21.25 4.79
CA LEU B 227 22.35 -22.44 4.28
C LEU B 227 22.65 -23.68 5.12
N ASN B 228 21.78 -24.68 5.00
CA ASN B 228 21.91 -25.94 5.74
C ASN B 228 21.23 -27.10 5.03
N ILE B 229 21.85 -28.26 5.06
CA ILE B 229 21.24 -29.44 4.48
C ILE B 229 20.75 -30.30 5.62
N TYR B 230 19.46 -30.60 5.60
CA TYR B 230 18.84 -31.39 6.66
C TYR B 230 18.45 -32.72 6.08
N GLU B 231 18.39 -33.75 6.92
CA GLU B 231 17.88 -35.05 6.50
C GLU B 231 16.40 -34.95 6.15
N HIS B 232 15.98 -35.74 5.16
CA HIS B 232 14.61 -35.63 4.64
C HIS B 232 13.52 -35.78 5.71
N ASP B 233 13.82 -36.54 6.76
CA ASP B 233 12.84 -36.83 7.80
C ASP B 233 13.13 -36.11 9.10
N ASP B 234 14.13 -35.22 9.11
CA ASP B 234 14.53 -34.56 10.34
C ASP B 234 14.92 -33.08 10.12
N LYS B 235 13.94 -32.19 10.17
CA LYS B 235 14.18 -30.78 9.86
C LYS B 235 14.86 -29.98 10.98
N LEU B 236 15.21 -30.66 12.08
CA LEU B 236 15.74 -30.02 13.29
C LEU B 236 17.27 -30.03 13.32
N THR B 237 17.86 -31.17 12.96
CA THR B 237 19.32 -31.32 12.95
C THR B 237 19.88 -30.96 11.59
N PRO B 238 20.63 -29.83 11.52
CA PRO B 238 21.41 -29.53 10.33
C PRO B 238 22.57 -30.51 10.17
N LYS B 239 22.83 -30.92 8.94
CA LYS B 239 23.91 -31.85 8.69
C LYS B 239 25.13 -31.14 8.11
N ILE B 240 24.91 -30.17 7.24
CA ILE B 240 26.00 -29.39 6.67
C ILE B 240 25.70 -27.91 6.80
N GLY B 241 26.59 -27.18 7.49
CA GLY B 241 26.48 -25.73 7.60
C GLY B 241 27.03 -25.04 6.36
N PHE B 242 26.47 -23.88 6.03
CA PHE B 242 26.98 -23.03 4.96
C PHE B 242 26.84 -21.57 5.36
N PRO B 243 27.64 -21.11 6.32
CA PRO B 243 27.59 -19.71 6.71
C PRO B 243 27.85 -18.78 5.52
N TRP B 244 27.30 -17.57 5.54
CA TRP B 244 27.53 -16.62 4.46
C TRP B 244 29.02 -16.34 4.38
N SER B 245 29.64 -16.17 5.55
CA SER B 245 31.06 -15.86 5.63
C SER B 245 31.92 -17.04 5.24
N GLU B 246 31.42 -17.82 4.27
CA GLU B 246 32.06 -19.07 3.83
C GLU B 246 31.60 -19.46 2.43
N ILE B 247 30.73 -18.65 1.84
CA ILE B 247 30.28 -18.87 0.46
C ILE B 247 31.04 -17.92 -0.48
N ARG B 248 31.46 -18.45 -1.62
CA ARG B 248 32.03 -17.65 -2.68
C ARG B 248 30.89 -17.26 -3.61
N ASN B 249 30.18 -18.26 -4.14
CA ASN B 249 29.14 -18.03 -5.13
C ASN B 249 28.03 -19.08 -5.08
N ILE B 250 26.78 -18.59 -5.08
CA ILE B 250 25.61 -19.43 -5.27
C ILE B 250 25.07 -19.19 -6.67
N SER B 251 24.78 -20.28 -7.39
CA SER B 251 24.41 -20.18 -8.80
C SER B 251 23.61 -21.38 -9.24
N PHE B 252 22.58 -21.13 -10.05
CA PHE B 252 21.74 -22.21 -10.53
C PHE B 252 21.68 -22.29 -12.06
N ASN B 253 21.16 -23.41 -12.56
CA ASN B 253 21.08 -23.67 -13.99
C ASN B 253 19.98 -24.70 -14.26
N ASP B 254 18.75 -24.21 -14.31
CA ASP B 254 17.58 -25.02 -14.69
C ASP B 254 17.13 -26.07 -13.66
N LYS B 255 18.04 -26.47 -12.78
CA LYS B 255 17.78 -27.48 -11.74
C LYS B 255 19.02 -27.66 -10.87
N LYS B 256 20.17 -27.61 -11.50
CA LYS B 256 21.45 -27.77 -10.82
C LYS B 256 21.74 -26.51 -10.02
N PHE B 257 21.94 -26.67 -8.72
CA PHE B 257 22.32 -25.57 -7.85
C PHE B 257 23.69 -25.88 -7.29
N VAL B 258 24.60 -24.92 -7.33
CA VAL B 258 25.95 -25.18 -6.85
C VAL B 258 26.40 -24.10 -5.86
N ILE B 259 26.93 -24.55 -4.72
CA ILE B 259 27.47 -23.65 -3.70
C ILE B 259 29.01 -23.74 -3.65
N LYS B 260 29.66 -22.87 -4.41
CA LYS B 260 31.13 -22.79 -4.47
C LYS B 260 31.70 -22.17 -3.20
N PRO B 261 32.39 -22.98 -2.35
CA PRO B 261 32.88 -22.49 -1.06
C PRO B 261 34.10 -21.61 -1.23
N ILE B 262 34.38 -20.75 -0.24
CA ILE B 262 35.55 -19.87 -0.29
C ILE B 262 36.82 -20.71 -0.49
N ASP B 263 37.03 -21.70 0.38
CA ASP B 263 38.15 -22.63 0.25
C ASP B 263 37.95 -23.58 -0.93
N LYS B 264 38.86 -23.50 -1.88
CA LYS B 264 38.88 -24.41 -3.03
C LYS B 264 39.18 -25.83 -2.55
N LYS B 265 39.73 -25.91 -1.34
CA LYS B 265 40.05 -27.18 -0.66
C LYS B 265 38.84 -28.10 -0.59
N ALA B 266 37.78 -27.62 0.06
CA ALA B 266 36.53 -28.36 0.16
C ALA B 266 35.85 -28.47 -1.21
N PRO B 267 35.28 -29.66 -1.52
CA PRO B 267 34.57 -29.81 -2.78
C PRO B 267 33.30 -28.99 -2.81
N ASP B 268 32.92 -28.54 -3.99
CA ASP B 268 31.68 -27.79 -4.18
C ASP B 268 30.46 -28.59 -3.73
N PHE B 269 29.38 -27.88 -3.42
CA PHE B 269 28.14 -28.56 -3.11
C PHE B 269 27.10 -28.40 -4.22
N VAL B 270 26.52 -29.52 -4.62
CA VAL B 270 25.54 -29.55 -5.70
C VAL B 270 24.24 -30.21 -5.21
N PHE B 271 23.11 -29.67 -5.65
CA PHE B 271 21.80 -30.27 -5.40
C PHE B 271 20.81 -29.92 -6.50
N TYR B 272 19.66 -30.57 -6.49
CA TYR B 272 18.72 -30.47 -7.60
C TYR B 272 17.31 -30.12 -7.13
N ALA B 273 16.80 -28.98 -7.59
CA ALA B 273 15.42 -28.58 -7.30
C ALA B 273 14.46 -29.31 -8.21
N PRO B 274 13.28 -29.69 -7.69
CA PRO B 274 12.24 -30.34 -8.52
C PRO B 274 11.89 -29.59 -9.81
N ARG B 275 12.08 -28.27 -9.81
CA ARG B 275 11.82 -27.44 -10.98
C ARG B 275 12.58 -26.10 -10.94
N LEU B 276 12.44 -25.29 -11.99
CA LEU B 276 13.20 -24.05 -12.09
C LEU B 276 12.81 -23.01 -11.04
N ARG B 277 11.51 -22.73 -10.91
CA ARG B 277 11.06 -21.65 -10.02
C ARG B 277 11.54 -21.80 -8.57
N ILE B 278 11.57 -23.04 -8.08
CA ILE B 278 12.07 -23.36 -6.74
C ILE B 278 13.49 -22.82 -6.55
N ASN B 279 14.33 -22.98 -7.57
CA ASN B 279 15.69 -22.44 -7.54
C ASN B 279 15.71 -20.91 -7.48
N LYS B 280 14.88 -20.28 -8.34
CA LYS B 280 14.76 -18.81 -8.36
C LYS B 280 14.41 -18.29 -6.96
N ARG B 281 13.45 -18.96 -6.32
CA ARG B 281 13.04 -18.69 -4.94
C ARG B 281 14.22 -18.63 -3.99
N ILE B 282 15.01 -19.70 -3.99
CA ILE B 282 16.19 -19.82 -3.12
C ILE B 282 17.07 -18.60 -3.26
N LEU B 283 17.44 -18.29 -4.51
CA LEU B 283 18.40 -17.24 -4.83
C LEU B 283 17.96 -15.86 -4.32
N ALA B 284 16.65 -15.61 -4.41
CA ALA B 284 16.04 -14.41 -3.86
C ALA B 284 16.21 -14.34 -2.34
N LEU B 285 15.77 -15.39 -1.67
CA LEU B 285 15.85 -15.50 -0.20
C LEU B 285 17.27 -15.34 0.31
N CYS B 286 18.24 -15.77 -0.50
CA CYS B 286 19.67 -15.64 -0.17
C CYS B 286 20.17 -14.20 -0.32
N MET B 287 19.87 -13.59 -1.47
CA MET B 287 20.25 -12.21 -1.71
C MET B 287 19.73 -11.38 -0.54
N GLY B 288 18.43 -11.47 -0.32
CA GLY B 288 17.77 -10.82 0.80
C GLY B 288 18.47 -11.09 2.11
N ASN B 289 18.44 -12.34 2.57
CA ASN B 289 19.02 -12.70 3.86
C ASN B 289 20.48 -12.30 4.04
N HIS B 290 21.24 -12.33 2.94
CA HIS B 290 22.64 -11.91 3.00
C HIS B 290 22.77 -10.39 3.11
N GLU B 291 22.02 -9.66 2.29
CA GLU B 291 22.09 -8.19 2.30
C GLU B 291 21.86 -7.60 3.69
N LEU B 292 20.95 -8.22 4.44
CA LEU B 292 20.61 -7.82 5.81
C LEU B 292 21.69 -8.22 6.80
N TYR B 293 22.42 -9.29 6.44
CA TYR B 293 23.54 -9.81 7.22
C TYR B 293 24.66 -8.80 7.21
N MET B 294 25.04 -8.37 6.01
CA MET B 294 26.07 -7.36 5.79
C MET B 294 25.63 -6.02 6.36
N ARG B 295 24.39 -5.66 6.03
CA ARG B 295 23.78 -4.39 6.43
C ARG B 295 23.77 -4.18 7.94
N ARG B 296 23.45 -5.23 8.70
CA ARG B 296 23.47 -5.14 10.17
C ARG B 296 24.88 -5.28 10.75
N ARG B 297 25.89 -5.06 9.90
CA ARG B 297 27.29 -5.14 10.32
C ARG B 297 28.16 -3.97 9.86
N LYS B 298 27.69 -3.22 8.86
CA LYS B 298 28.38 -2.02 8.35
C LYS B 298 28.44 -0.88 9.38
N ILE C 7 29.71 -3.72 -28.02
CA ILE C 7 29.23 -2.47 -28.67
C ILE C 7 29.88 -1.24 -28.01
N ASN C 8 30.18 -0.24 -28.84
CA ASN C 8 30.70 1.03 -28.34
C ASN C 8 29.59 2.07 -28.10
N VAL C 9 29.63 2.68 -26.91
CA VAL C 9 28.74 3.78 -26.53
C VAL C 9 29.55 4.94 -25.96
N ARG C 10 29.00 6.15 -26.03
CA ARG C 10 29.68 7.32 -25.53
C ARG C 10 28.71 8.21 -24.75
N VAL C 11 28.74 8.06 -23.42
CA VAL C 11 27.89 8.86 -22.53
C VAL C 11 28.62 10.14 -22.17
N THR C 12 28.00 11.26 -22.49
CA THR C 12 28.60 12.56 -22.23
C THR C 12 27.82 13.26 -21.12
N THR C 13 28.54 13.90 -20.21
CA THR C 13 27.93 14.72 -19.16
C THR C 13 28.16 16.21 -19.48
N MET C 14 27.79 17.08 -18.55
CA MET C 14 27.94 18.52 -18.78
C MET C 14 29.38 18.99 -18.96
N ASP C 15 30.34 18.16 -18.58
CA ASP C 15 31.75 18.45 -18.82
C ASP C 15 32.55 17.21 -19.24
N ALA C 16 32.13 16.07 -18.74
CA ALA C 16 32.88 14.83 -18.94
C ALA C 16 32.49 14.11 -20.23
N GLU C 17 33.34 13.16 -20.63
CA GLU C 17 33.12 12.28 -21.75
C GLU C 17 33.50 10.90 -21.26
N LEU C 18 32.76 9.88 -21.69
CA LEU C 18 33.02 8.51 -21.24
C LEU C 18 32.90 7.48 -22.36
N GLU C 19 33.81 6.50 -22.35
CA GLU C 19 33.83 5.42 -23.33
C GLU C 19 33.40 4.12 -22.66
N PHE C 20 32.77 3.22 -23.42
CA PHE C 20 32.21 2.00 -22.83
C PHE C 20 32.10 0.79 -23.76
N ALA C 21 32.16 -0.39 -23.13
CA ALA C 21 31.86 -1.67 -23.78
C ALA C 21 30.57 -2.23 -23.19
N ILE C 22 29.62 -2.55 -24.06
CA ILE C 22 28.26 -2.90 -23.64
C ILE C 22 27.72 -4.15 -24.34
N GLN C 23 27.13 -5.06 -23.57
CA GLN C 23 26.56 -6.31 -24.08
C GLN C 23 25.09 -6.14 -24.54
N PRO C 24 24.59 -7.08 -25.39
CA PRO C 24 23.19 -7.02 -25.83
C PRO C 24 22.19 -7.48 -24.76
N ASN C 25 22.67 -7.65 -23.54
CA ASN C 25 21.80 -7.94 -22.40
C ASN C 25 21.90 -6.86 -21.33
N THR C 26 22.86 -5.94 -21.50
CA THR C 26 23.06 -4.85 -20.56
C THR C 26 21.79 -4.02 -20.47
N THR C 27 21.20 -4.00 -19.27
CA THR C 27 20.01 -3.22 -19.01
C THR C 27 20.39 -1.77 -18.70
N GLY C 28 19.52 -0.85 -19.09
CA GLY C 28 19.74 0.58 -18.86
C GLY C 28 20.29 0.87 -17.48
N LYS C 29 19.71 0.22 -16.48
CA LYS C 29 20.13 0.32 -15.09
C LYS C 29 21.64 0.12 -14.90
N GLN C 30 22.12 -1.04 -15.29
CA GLN C 30 23.55 -1.38 -15.20
C GLN C 30 24.42 -0.24 -15.70
N LEU C 31 24.14 0.19 -16.94
CA LEU C 31 24.85 1.29 -17.58
C LEU C 31 24.85 2.57 -16.75
N PHE C 32 23.66 2.99 -16.31
CA PHE C 32 23.48 4.19 -15.51
C PHE C 32 24.38 4.11 -14.29
N ASP C 33 24.34 2.98 -13.61
CA ASP C 33 25.14 2.74 -12.42
C ASP C 33 26.63 2.89 -12.70
N GLN C 34 27.04 2.43 -13.88
CA GLN C 34 28.43 2.52 -14.29
C GLN C 34 28.83 3.97 -14.46
N VAL C 35 28.11 4.68 -15.34
CA VAL C 35 28.32 6.10 -15.56
C VAL C 35 28.45 6.83 -14.23
N VAL C 36 27.49 6.59 -13.34
CA VAL C 36 27.42 7.20 -12.02
C VAL C 36 28.66 6.92 -11.15
N LYS C 37 29.01 5.64 -11.04
CA LYS C 37 30.13 5.21 -10.21
C LYS C 37 31.44 5.75 -10.76
N THR C 38 31.55 5.76 -12.09
CA THR C 38 32.70 6.34 -12.82
C THR C 38 32.97 7.79 -12.43
N VAL C 39 31.94 8.62 -12.44
CA VAL C 39 32.08 10.02 -12.07
C VAL C 39 32.08 10.16 -10.54
N GLY C 40 31.49 9.18 -9.86
CA GLY C 40 31.41 9.19 -8.41
C GLY C 40 30.32 10.11 -7.90
N LEU C 41 29.11 9.92 -8.41
CA LEU C 41 27.94 10.68 -8.02
C LEU C 41 27.04 9.80 -7.18
N ARG C 42 26.94 10.10 -5.90
CA ARG C 42 26.10 9.32 -4.99
C ARG C 42 24.62 9.70 -5.12
N GLU C 43 24.33 10.98 -5.35
CA GLU C 43 22.94 11.47 -5.38
C GLU C 43 22.29 11.29 -6.75
N VAL C 44 21.97 10.05 -7.08
CA VAL C 44 21.68 9.68 -8.45
C VAL C 44 20.21 9.79 -8.88
N TRP C 45 19.32 10.00 -7.93
CA TRP C 45 17.87 10.00 -8.20
C TRP C 45 17.43 11.08 -9.20
N PHE C 46 18.04 12.25 -9.10
CA PHE C 46 17.78 13.38 -10.00
C PHE C 46 17.98 13.08 -11.50
N PHE C 47 18.93 12.19 -11.79
CA PHE C 47 19.50 12.06 -13.15
C PHE C 47 18.90 10.96 -14.00
N GLY C 48 19.24 11.00 -15.28
CA GLY C 48 18.83 9.97 -16.23
C GLY C 48 19.68 10.04 -17.48
N LEU C 49 19.52 9.04 -18.34
CA LEU C 49 20.25 8.98 -19.60
C LEU C 49 19.32 9.33 -20.76
N GLN C 50 19.81 10.20 -21.64
CA GLN C 50 18.99 10.80 -22.69
C GLN C 50 19.52 10.41 -24.08
N TYR C 51 18.71 9.70 -24.86
CA TYR C 51 19.11 9.25 -26.19
C TYR C 51 18.27 9.80 -27.34
N VAL C 52 18.69 9.49 -28.56
CA VAL C 52 17.99 9.91 -29.77
C VAL C 52 17.51 8.67 -30.56
N ASP C 53 16.19 8.48 -30.64
CA ASP C 53 15.62 7.24 -31.21
C ASP C 53 15.54 7.23 -32.73
N SER C 54 14.83 6.25 -33.30
CA SER C 54 14.66 6.13 -34.74
C SER C 54 14.28 7.47 -35.39
N LYS C 55 13.14 8.02 -34.96
CA LYS C 55 12.67 9.31 -35.46
C LYS C 55 13.52 10.50 -34.96
N GLY C 56 14.24 10.29 -33.88
CA GLY C 56 15.08 11.34 -33.30
C GLY C 56 14.33 12.20 -32.30
N TYR C 57 14.00 11.61 -31.16
CA TYR C 57 13.32 12.32 -30.08
C TYR C 57 14.16 12.29 -28.81
N SER C 58 14.17 13.39 -28.06
CA SER C 58 14.88 13.44 -26.77
C SER C 58 14.26 12.48 -25.76
N THR C 59 14.57 11.20 -25.92
CA THR C 59 13.98 10.14 -25.11
C THR C 59 14.83 9.81 -23.89
N TRP C 60 14.16 9.48 -22.79
CA TRP C 60 14.85 9.04 -21.58
C TRP C 60 14.99 7.52 -21.57
N LEU C 61 16.15 7.05 -21.12
CA LEU C 61 16.40 5.63 -21.02
C LEU C 61 15.53 5.02 -19.92
N LYS C 62 14.78 3.97 -20.26
CA LYS C 62 14.05 3.19 -19.26
C LYS C 62 15.06 2.26 -18.60
N LEU C 63 15.48 2.59 -17.38
CA LEU C 63 16.57 1.87 -16.71
C LEU C 63 16.26 0.39 -16.43
N ASN C 64 14.99 0.10 -16.14
CA ASN C 64 14.51 -1.24 -15.86
C ASN C 64 14.40 -2.14 -17.11
N LYS C 65 14.91 -1.66 -18.24
CA LYS C 65 14.84 -2.40 -19.50
C LYS C 65 16.18 -2.42 -20.24
N LYS C 66 16.25 -3.24 -21.30
CA LYS C 66 17.48 -3.41 -22.08
C LYS C 66 17.64 -2.32 -23.13
N VAL C 67 18.85 -1.77 -23.23
CA VAL C 67 19.16 -0.75 -24.24
C VAL C 67 19.09 -1.35 -25.65
N THR C 68 19.35 -2.65 -25.73
CA THR C 68 19.26 -3.43 -26.95
C THR C 68 17.87 -3.27 -27.60
N GLN C 69 16.83 -3.41 -26.79
CA GLN C 69 15.45 -3.37 -27.29
C GLN C 69 14.90 -1.95 -27.44
N GLN C 70 15.24 -1.05 -26.52
CA GLN C 70 14.78 0.34 -26.60
C GLN C 70 15.27 0.96 -27.90
N ASP C 71 14.34 1.11 -28.85
CA ASP C 71 14.62 1.72 -30.14
C ASP C 71 15.62 2.87 -29.97
N VAL C 72 16.72 2.80 -30.70
CA VAL C 72 17.84 3.73 -30.51
C VAL C 72 18.58 3.99 -31.83
N LYS C 73 18.95 5.24 -32.09
CA LYS C 73 19.69 5.62 -33.30
C LYS C 73 20.99 4.84 -33.41
N LYS C 74 21.28 4.34 -34.61
CA LYS C 74 22.47 3.55 -34.87
C LYS C 74 23.69 4.39 -35.30
N GLU C 75 24.72 4.38 -34.46
CA GLU C 75 25.99 5.03 -34.76
C GLU C 75 27.09 4.16 -34.18
N ASN C 76 28.33 4.36 -34.67
CA ASN C 76 29.49 3.60 -34.18
C ASN C 76 29.54 3.61 -32.64
N PRO C 77 29.68 4.81 -32.04
CA PRO C 77 29.35 4.91 -30.62
C PRO C 77 27.90 5.38 -30.47
N LEU C 78 27.13 4.70 -29.62
CA LEU C 78 25.78 5.15 -29.29
C LEU C 78 25.85 6.41 -28.43
N GLN C 79 24.98 7.37 -28.73
CA GLN C 79 25.09 8.69 -28.13
C GLN C 79 24.07 8.95 -27.03
N PHE C 80 24.57 9.39 -25.87
CA PHE C 80 23.74 9.67 -24.71
C PHE C 80 24.21 10.92 -23.98
N LYS C 81 23.26 11.75 -23.55
CA LYS C 81 23.59 12.87 -22.67
C LYS C 81 23.12 12.52 -21.26
N PHE C 82 24.07 12.52 -20.31
CA PHE C 82 23.76 12.30 -18.90
C PHE C 82 23.33 13.63 -18.29
N ARG C 83 22.02 13.82 -18.19
CA ARG C 83 21.47 15.08 -17.70
C ARG C 83 20.54 14.90 -16.51
N ALA C 84 20.42 15.95 -15.72
CA ALA C 84 19.48 15.99 -14.61
C ALA C 84 18.05 16.04 -15.12
N LYS C 85 17.23 15.08 -14.69
CA LYS C 85 15.83 14.98 -15.13
C LYS C 85 14.85 15.60 -14.13
N PHE C 86 15.30 15.81 -12.90
CA PHE C 86 14.46 16.31 -11.83
C PHE C 86 15.25 17.30 -11.01
N PHE C 87 14.62 18.39 -10.62
CA PHE C 87 15.36 19.39 -9.87
C PHE C 87 15.03 19.36 -8.40
N PRO C 88 16.01 19.67 -7.55
CA PRO C 88 15.69 19.76 -6.13
C PRO C 88 14.68 20.86 -5.88
N GLU C 89 14.03 20.80 -4.72
CA GLU C 89 13.22 21.90 -4.27
C GLU C 89 14.15 22.94 -3.69
N ASP C 90 15.08 22.53 -2.82
CA ASP C 90 16.11 23.45 -2.40
C ASP C 90 17.49 23.00 -2.85
N VAL C 91 18.11 23.82 -3.69
CA VAL C 91 19.41 23.51 -4.27
C VAL C 91 20.54 23.51 -3.23
N SER C 92 20.28 24.12 -2.08
CA SER C 92 21.26 24.17 -1.00
C SER C 92 21.12 22.97 -0.08
N GLU C 93 19.88 22.63 0.26
CA GLU C 93 19.60 21.53 1.16
C GLU C 93 19.82 20.16 0.52
N GLU C 94 19.74 20.09 -0.82
CA GLU C 94 19.65 18.80 -1.51
C GLU C 94 20.85 18.39 -2.35
N LEU C 95 21.73 19.32 -2.65
CA LEU C 95 22.91 19.00 -3.42
C LEU C 95 24.12 19.15 -2.52
N ILE C 96 24.66 18.01 -2.10
CA ILE C 96 25.71 18.01 -1.08
C ILE C 96 27.08 17.69 -1.68
N GLN C 97 27.11 16.76 -2.63
CA GLN C 97 28.32 16.33 -3.33
C GLN C 97 28.87 17.37 -4.29
N GLU C 98 30.18 17.35 -4.47
CA GLU C 98 30.86 18.23 -5.41
C GLU C 98 30.32 18.06 -6.84
N ILE C 99 30.44 16.86 -7.38
CA ILE C 99 30.10 16.60 -8.78
C ILE C 99 28.67 17.02 -9.10
N THR C 100 27.74 16.71 -8.19
CA THR C 100 26.32 17.06 -8.35
C THR C 100 26.16 18.55 -8.56
N GLN C 101 26.70 19.32 -7.63
CA GLN C 101 26.64 20.77 -7.73
C GLN C 101 27.14 21.23 -9.09
N ARG C 102 28.23 20.65 -9.58
CA ARG C 102 28.78 21.04 -10.87
C ARG C 102 27.86 20.66 -12.02
N LEU C 103 27.35 19.44 -12.00
CA LEU C 103 26.45 18.98 -13.05
C LEU C 103 25.15 19.77 -13.15
N PHE C 104 24.66 20.30 -12.03
CA PHE C 104 23.48 21.16 -12.06
C PHE C 104 23.83 22.57 -12.52
N PHE C 105 24.79 23.18 -11.80
CA PHE C 105 25.30 24.49 -12.15
C PHE C 105 25.55 24.60 -13.65
N LEU C 106 26.12 23.57 -14.25
CA LEU C 106 26.43 23.62 -15.68
C LEU C 106 25.15 23.60 -16.53
N GLN C 107 24.30 22.61 -16.26
CA GLN C 107 23.06 22.39 -16.98
C GLN C 107 22.12 23.60 -16.91
N VAL C 108 21.98 24.14 -15.70
CA VAL C 108 21.10 25.27 -15.46
C VAL C 108 21.61 26.48 -16.23
N LYS C 109 22.92 26.75 -16.10
CA LYS C 109 23.61 27.84 -16.80
C LYS C 109 23.56 27.69 -18.33
N GLU C 110 23.88 26.50 -18.83
CA GLU C 110 23.75 26.22 -20.26
C GLU C 110 22.35 26.58 -20.76
N ALA C 111 21.35 26.24 -19.95
CA ALA C 111 19.95 26.52 -20.27
C ALA C 111 19.61 28.00 -20.16
N ILE C 112 20.16 28.68 -19.15
CA ILE C 112 19.93 30.12 -18.98
C ILE C 112 20.50 30.88 -20.19
N LEU C 113 21.68 30.44 -20.62
CA LEU C 113 22.34 30.96 -21.82
C LEU C 113 21.51 30.79 -23.08
N ASN C 114 21.03 29.56 -23.34
CA ASN C 114 20.20 29.29 -24.50
C ASN C 114 18.80 29.90 -24.41
N ASP C 115 18.60 30.71 -23.36
CA ASP C 115 17.34 31.41 -23.09
C ASP C 115 16.17 30.52 -22.68
N GLU C 116 16.41 29.21 -22.56
CA GLU C 116 15.39 28.25 -22.17
C GLU C 116 14.74 28.64 -20.85
N ILE C 117 15.55 29.21 -19.94
CA ILE C 117 15.08 29.76 -18.67
C ILE C 117 15.33 31.26 -18.68
N TYR C 118 14.27 32.03 -18.88
CA TYR C 118 14.41 33.48 -19.01
C TYR C 118 15.10 34.10 -17.79
N CYS C 119 16.01 35.04 -18.05
CA CYS C 119 16.66 35.82 -16.98
C CYS C 119 16.75 37.31 -17.30
N PRO C 120 16.35 38.17 -16.35
CA PRO C 120 16.50 39.63 -16.48
C PRO C 120 17.98 40.05 -16.49
N PRO C 121 18.33 41.04 -17.34
CA PRO C 121 19.73 41.41 -17.56
C PRO C 121 20.51 41.66 -16.28
N GLU C 122 19.95 42.47 -15.38
CA GLU C 122 20.63 42.81 -14.13
C GLU C 122 21.10 41.55 -13.43
N THR C 123 20.20 40.56 -13.40
CA THR C 123 20.46 39.27 -12.77
C THR C 123 21.46 38.43 -13.57
N ALA C 124 21.17 38.20 -14.86
CA ALA C 124 22.05 37.44 -15.76
C ALA C 124 23.53 37.81 -15.61
N VAL C 125 23.78 39.09 -15.34
CA VAL C 125 25.13 39.59 -15.10
C VAL C 125 25.67 39.01 -13.79
N LEU C 126 24.97 39.29 -12.70
CA LEU C 126 25.35 38.81 -11.38
C LEU C 126 25.55 37.30 -11.43
N LEU C 127 24.66 36.62 -12.16
CA LEU C 127 24.85 35.21 -12.47
C LEU C 127 26.20 34.98 -13.14
N ALA C 128 26.42 35.59 -14.29
CA ALA C 128 27.69 35.43 -15.00
C ALA C 128 28.90 35.71 -14.10
N SER C 129 28.75 36.68 -13.20
CA SER C 129 29.84 37.04 -12.28
C SER C 129 30.16 35.93 -11.27
N TYR C 130 29.47 34.80 -11.38
CA TYR C 130 29.77 33.66 -10.55
C TYR C 130 30.43 32.59 -11.39
N ALA C 131 29.83 32.33 -12.56
CA ALA C 131 30.37 31.38 -13.53
C ALA C 131 31.87 31.58 -13.66
N VAL C 132 32.29 32.84 -13.52
CA VAL C 132 33.70 33.21 -13.59
C VAL C 132 34.44 32.96 -12.29
N GLN C 133 33.95 33.47 -11.17
CA GLN C 133 34.61 33.23 -9.88
C GLN C 133 34.83 31.73 -9.69
N ALA C 134 33.96 30.93 -10.30
CA ALA C 134 34.05 29.49 -10.22
C ALA C 134 35.11 28.97 -11.17
N LYS C 135 35.11 29.49 -12.39
CA LYS C 135 36.10 29.09 -13.41
C LYS C 135 37.50 29.66 -13.16
N TYR C 136 37.57 30.97 -12.93
CA TYR C 136 38.83 31.69 -12.88
C TYR C 136 39.35 31.97 -11.49
N GLY C 137 38.60 31.60 -10.46
CA GLY C 137 38.97 31.96 -9.10
C GLY C 137 39.08 33.46 -8.93
N ASP C 138 39.74 33.88 -7.85
CA ASP C 138 39.94 35.30 -7.52
C ASP C 138 40.24 36.22 -8.69
N TYR C 139 39.70 37.44 -8.61
CA TYR C 139 40.10 38.49 -9.55
C TYR C 139 41.51 38.99 -9.24
N ASN C 140 42.44 38.71 -10.15
CA ASN C 140 43.79 39.23 -10.08
C ASN C 140 43.93 40.36 -11.10
N LYS C 141 44.46 41.49 -10.67
CA LYS C 141 44.60 42.68 -11.53
C LYS C 141 45.68 42.49 -12.59
N GLU C 142 46.78 41.82 -12.22
CA GLU C 142 47.90 41.57 -13.11
C GLU C 142 47.58 40.46 -14.10
N ILE C 143 46.68 39.55 -13.71
CA ILE C 143 46.27 38.43 -14.57
C ILE C 143 45.02 38.76 -15.42
N HIS C 144 44.08 39.52 -14.85
CA HIS C 144 42.80 39.79 -15.52
C HIS C 144 42.65 41.23 -16.03
N LYS C 145 43.22 41.49 -17.19
CA LYS C 145 43.07 42.77 -17.88
C LYS C 145 42.06 42.61 -19.02
N PRO C 146 41.42 43.71 -19.46
CA PRO C 146 40.37 43.71 -20.49
C PRO C 146 40.60 42.73 -21.65
N GLY C 147 39.52 42.07 -22.05
CA GLY C 147 39.57 41.08 -23.13
C GLY C 147 40.05 39.73 -22.66
N TYR C 148 39.78 39.41 -21.39
CA TYR C 148 40.14 38.11 -20.82
C TYR C 148 38.95 37.17 -20.80
N LEU C 149 37.77 37.75 -20.57
CA LEU C 149 36.51 37.03 -20.67
C LEU C 149 36.16 36.80 -22.14
N ALA C 150 37.01 37.37 -23.00
CA ALA C 150 36.92 37.29 -24.45
C ALA C 150 36.02 36.18 -24.98
N ASN C 151 36.40 34.92 -24.75
CA ASN C 151 35.78 33.78 -25.43
C ASN C 151 34.81 32.96 -24.59
N ASP C 152 34.12 33.63 -23.67
CA ASP C 152 33.15 32.99 -22.80
C ASP C 152 31.73 33.39 -23.15
N ARG C 153 30.87 32.38 -23.36
CA ARG C 153 29.44 32.59 -23.37
C ARG C 153 29.08 32.98 -21.95
N LEU C 154 28.82 34.26 -21.73
CA LEU C 154 28.62 34.76 -20.37
C LEU C 154 27.20 35.22 -20.09
N LEU C 155 26.50 35.63 -21.16
CA LEU C 155 25.14 36.15 -21.04
C LEU C 155 24.18 35.52 -22.06
N PRO C 156 22.87 35.55 -21.76
CA PRO C 156 21.87 35.06 -22.70
C PRO C 156 21.76 35.94 -23.96
N GLN C 157 21.58 35.29 -25.11
CA GLN C 157 21.37 35.98 -26.38
C GLN C 157 20.35 37.11 -26.24
N ARG C 158 19.22 36.83 -25.58
CA ARG C 158 18.14 37.80 -25.32
C ARG C 158 18.62 39.10 -24.63
N VAL C 159 19.79 39.05 -23.99
CA VAL C 159 20.38 40.23 -23.38
C VAL C 159 21.41 40.84 -24.34
N LEU C 160 22.05 39.99 -25.14
CA LEU C 160 22.94 40.45 -26.18
C LEU C 160 22.18 40.98 -27.41
N GLU C 161 21.01 40.40 -27.67
CA GLU C 161 20.09 40.92 -28.70
C GLU C 161 19.37 42.17 -28.21
N GLN C 162 19.55 42.45 -26.92
CA GLN C 162 19.20 43.73 -26.35
C GLN C 162 20.53 44.48 -26.14
N HIS C 163 21.29 44.61 -27.25
CA HIS C 163 22.61 45.24 -27.23
C HIS C 163 22.54 46.75 -27.03
N LYS C 164 22.37 47.15 -25.78
CA LYS C 164 22.43 48.56 -25.41
C LYS C 164 23.88 48.92 -25.05
N LEU C 165 24.70 47.89 -24.88
CA LEU C 165 26.13 48.07 -24.58
C LEU C 165 26.98 47.22 -25.53
N THR C 166 28.28 47.53 -25.59
CA THR C 166 29.24 46.73 -26.36
C THR C 166 29.70 45.55 -25.52
N LYS C 167 30.03 44.43 -26.16
CA LYS C 167 30.50 43.25 -25.43
C LYS C 167 31.80 43.54 -24.67
N GLU C 168 32.46 44.65 -25.03
CA GLU C 168 33.60 45.16 -24.29
C GLU C 168 33.12 45.81 -23.00
N GLN C 169 31.89 46.34 -23.03
CA GLN C 169 31.24 46.95 -21.86
C GLN C 169 30.54 45.94 -20.95
N TRP C 170 30.08 44.83 -21.54
CA TRP C 170 29.52 43.73 -20.76
C TRP C 170 30.64 43.09 -19.95
N GLU C 171 31.67 42.62 -20.65
CA GLU C 171 32.87 42.03 -20.06
C GLU C 171 33.53 43.00 -19.08
N GLU C 172 33.01 44.22 -19.01
CA GLU C 172 33.50 45.25 -18.10
C GLU C 172 32.73 45.25 -16.79
N ARG C 173 31.41 45.10 -16.89
CA ARG C 173 30.53 45.19 -15.72
C ARG C 173 30.49 43.90 -14.92
N ILE C 174 30.83 42.79 -15.57
CA ILE C 174 30.93 41.49 -14.91
C ILE C 174 32.10 41.54 -13.94
N GLN C 175 33.24 42.01 -14.45
CA GLN C 175 34.46 42.17 -13.67
C GLN C 175 34.24 42.96 -12.39
N ASN C 176 33.31 43.90 -12.42
CA ASN C 176 32.93 44.66 -11.23
C ASN C 176 32.43 43.75 -10.12
N TRP C 177 31.56 42.81 -10.49
CA TRP C 177 30.96 41.88 -9.53
C TRP C 177 31.94 40.78 -9.11
N HIS C 178 32.71 40.29 -10.09
CA HIS C 178 33.80 39.34 -9.87
C HIS C 178 34.63 39.72 -8.65
N GLU C 179 35.17 40.94 -8.67
CA GLU C 179 36.00 41.51 -7.60
C GLU C 179 35.38 41.45 -6.22
N GLU C 180 34.04 41.36 -6.16
CA GLU C 180 33.33 41.34 -4.88
C GLU C 180 33.23 39.92 -4.31
N HIS C 181 33.70 38.94 -5.08
CA HIS C 181 33.73 37.54 -4.65
C HIS C 181 35.14 37.05 -4.26
N ARG C 182 35.85 37.88 -3.50
CA ARG C 182 37.21 37.58 -3.05
C ARG C 182 37.20 36.39 -2.11
N GLY C 183 37.95 35.35 -2.46
CA GLY C 183 38.07 34.16 -1.62
C GLY C 183 36.87 33.23 -1.70
N MET C 184 36.25 33.17 -2.87
CA MET C 184 35.08 32.35 -3.07
C MET C 184 35.45 31.14 -3.93
N LEU C 185 35.43 29.96 -3.32
CA LEU C 185 35.85 28.72 -3.99
C LEU C 185 34.84 28.25 -5.05
N ARG C 186 34.80 26.95 -5.32
CA ARG C 186 33.99 26.46 -6.43
C ARG C 186 32.58 26.06 -6.02
N GLU C 187 32.46 25.32 -4.92
CA GLU C 187 31.15 25.05 -4.32
C GLU C 187 30.48 26.38 -4.05
N ASP C 188 31.05 27.14 -3.12
CA ASP C 188 30.53 28.43 -2.69
C ASP C 188 30.00 29.28 -3.85
N SER C 189 30.76 29.33 -4.93
CA SER C 189 30.34 30.06 -6.13
C SER C 189 29.13 29.43 -6.77
N MET C 190 29.25 28.17 -7.15
CA MET C 190 28.21 27.48 -7.91
C MET C 190 26.89 27.39 -7.16
N MET C 191 26.99 27.26 -5.84
CA MET C 191 25.82 27.35 -4.98
C MET C 191 25.13 28.69 -5.10
N GLU C 192 25.88 29.77 -4.89
CA GLU C 192 25.30 31.11 -5.03
C GLU C 192 24.68 31.27 -6.40
N TYR C 193 25.34 30.74 -7.42
CA TYR C 193 24.81 30.77 -8.76
C TYR C 193 23.48 30.04 -8.81
N LEU C 194 23.43 28.87 -8.19
CA LEU C 194 22.22 28.09 -8.20
C LEU C 194 21.10 28.71 -7.34
N LYS C 195 21.47 29.31 -6.21
CA LYS C 195 20.51 29.98 -5.30
C LYS C 195 19.72 31.11 -5.99
N ILE C 196 20.44 31.93 -6.76
CA ILE C 196 19.83 32.93 -7.64
C ILE C 196 18.97 32.20 -8.66
N ALA C 197 19.60 31.30 -9.41
CA ALA C 197 18.94 30.61 -10.51
C ALA C 197 17.65 29.90 -10.11
N GLN C 198 17.57 29.46 -8.86
CA GLN C 198 16.42 28.69 -8.42
C GLN C 198 15.17 29.53 -8.11
N ASP C 199 15.37 30.86 -8.07
CA ASP C 199 14.26 31.79 -7.91
C ASP C 199 13.75 32.39 -9.23
N LEU C 200 14.19 31.83 -10.35
CA LEU C 200 13.70 32.29 -11.63
C LEU C 200 12.37 31.59 -11.95
N GLU C 201 11.38 32.38 -12.37
CA GLU C 201 10.02 31.88 -12.64
C GLU C 201 10.02 30.62 -13.49
N MET C 202 11.01 30.47 -14.34
CA MET C 202 11.06 29.36 -15.27
C MET C 202 12.01 28.25 -14.82
N TYR C 203 12.56 28.37 -13.61
CA TYR C 203 13.52 27.39 -13.13
C TYR C 203 12.83 26.06 -12.89
N GLY C 204 13.52 24.97 -13.17
CA GLY C 204 13.03 23.62 -12.90
C GLY C 204 11.56 23.32 -13.23
N VAL C 205 11.11 23.84 -14.37
CA VAL C 205 9.77 23.56 -14.86
C VAL C 205 9.84 23.04 -16.28
N ASN C 206 9.08 22.00 -16.57
CA ASN C 206 9.01 21.47 -17.91
C ASN C 206 7.73 21.94 -18.59
N TYR C 207 7.87 22.51 -19.79
CA TYR C 207 6.73 23.03 -20.54
C TYR C 207 6.30 22.08 -21.64
N PHE C 208 5.00 22.09 -21.93
CA PHE C 208 4.44 21.32 -23.03
C PHE C 208 3.38 22.16 -23.73
N GLU C 209 3.41 22.17 -25.07
CA GLU C 209 2.45 22.96 -25.83
C GLU C 209 1.18 22.16 -25.93
N ILE C 210 0.11 22.69 -25.35
CA ILE C 210 -1.15 21.95 -25.23
C ILE C 210 -2.36 22.85 -25.50
N LYS C 211 -3.36 22.28 -26.17
CA LYS C 211 -4.66 22.96 -26.40
C LYS C 211 -5.65 22.56 -25.33
N ASN C 212 -6.45 23.50 -24.86
CA ASN C 212 -7.51 23.16 -23.93
C ASN C 212 -8.78 22.76 -24.65
N LYS C 213 -9.87 22.57 -23.92
CA LYS C 213 -11.15 22.16 -24.48
C LYS C 213 -11.55 22.98 -25.73
N LYS C 214 -11.59 24.30 -25.58
CA LYS C 214 -11.98 25.22 -26.66
C LYS C 214 -11.12 25.07 -27.93
N GLY C 215 -9.80 24.97 -27.75
CA GLY C 215 -8.87 24.97 -28.86
C GLY C 215 -7.71 25.87 -28.52
N THR C 216 -7.98 26.85 -27.66
CA THR C 216 -7.00 27.83 -27.15
C THR C 216 -5.63 27.25 -26.73
N GLU C 217 -4.56 27.80 -27.31
CA GLU C 217 -3.21 27.31 -27.05
C GLU C 217 -2.73 27.67 -25.66
N LEU C 218 -2.14 26.69 -24.96
CA LEU C 218 -1.59 26.92 -23.61
C LEU C 218 -0.29 26.15 -23.37
N TRP C 219 0.25 26.35 -22.18
CA TRP C 219 1.43 25.61 -21.73
C TRP C 219 1.10 24.87 -20.44
N LEU C 220 1.45 23.60 -20.39
CA LEU C 220 1.35 22.81 -19.16
C LEU C 220 2.74 22.64 -18.53
N GLY C 221 2.95 23.31 -17.39
CA GLY C 221 4.24 23.27 -16.70
C GLY C 221 4.29 22.19 -15.63
N VAL C 222 5.30 21.31 -15.70
CA VAL C 222 5.44 20.23 -14.72
C VAL C 222 6.67 20.44 -13.85
N ASP C 223 6.46 20.93 -12.64
CA ASP C 223 7.57 21.16 -11.70
C ASP C 223 7.66 20.10 -10.59
N ALA C 224 8.51 20.38 -9.61
CA ALA C 224 8.76 19.47 -8.53
C ALA C 224 7.64 19.52 -7.51
N LEU C 225 6.71 20.46 -7.68
CA LEU C 225 5.63 20.64 -6.71
C LEU C 225 4.23 20.37 -7.30
N GLY C 226 4.19 19.88 -8.54
CA GLY C 226 2.90 19.62 -9.18
C GLY C 226 2.85 20.12 -10.61
N LEU C 227 1.63 20.41 -11.07
CA LEU C 227 1.39 20.89 -12.43
C LEU C 227 0.88 22.32 -12.41
N ASN C 228 1.13 23.01 -13.52
CA ASN C 228 0.66 24.38 -13.69
C ASN C 228 0.21 24.65 -15.12
N ILE C 229 -0.84 25.45 -15.25
CA ILE C 229 -1.35 25.85 -16.55
C ILE C 229 -1.03 27.33 -16.83
N TYR C 230 -0.35 27.57 -17.95
CA TYR C 230 0.05 28.92 -18.35
C TYR C 230 -0.74 29.35 -19.57
N GLU C 231 -0.99 30.65 -19.65
CA GLU C 231 -1.52 31.27 -20.86
C GLU C 231 -0.38 31.29 -21.86
N HIS C 232 -0.66 30.87 -23.09
CA HIS C 232 0.38 30.66 -24.09
C HIS C 232 1.38 31.82 -24.24
N ASP C 233 0.96 33.01 -23.82
CA ASP C 233 1.73 34.25 -23.94
C ASP C 233 2.54 34.61 -22.71
N ASP C 234 2.27 33.98 -21.57
CA ASP C 234 2.96 34.27 -20.29
C ASP C 234 3.40 33.00 -19.54
N LYS C 235 4.64 32.57 -19.79
CA LYS C 235 5.21 31.35 -19.19
C LYS C 235 5.73 31.55 -17.77
N LEU C 236 5.80 32.79 -17.32
CA LEU C 236 6.32 33.11 -16.01
C LEU C 236 5.25 32.98 -14.94
N THR C 237 4.07 33.52 -15.25
CA THR C 237 2.96 33.48 -14.32
C THR C 237 1.96 32.42 -14.75
N PRO C 238 1.68 31.46 -13.86
CA PRO C 238 0.66 30.44 -14.08
C PRO C 238 -0.74 31.02 -13.94
N LYS C 239 -1.66 30.53 -14.78
CA LYS C 239 -3.07 30.89 -14.71
C LYS C 239 -3.75 30.01 -13.67
N ILE C 240 -3.58 28.70 -13.79
CA ILE C 240 -4.12 27.74 -12.83
C ILE C 240 -3.01 26.89 -12.21
N GLY C 241 -3.07 26.74 -10.88
CA GLY C 241 -2.14 25.88 -10.13
C GLY C 241 -2.73 24.55 -9.71
N PHE C 242 -1.88 23.53 -9.65
CA PHE C 242 -2.27 22.20 -9.22
C PHE C 242 -1.21 21.55 -8.34
N PRO C 243 -1.11 21.98 -7.07
CA PRO C 243 -0.23 21.25 -6.13
C PRO C 243 -0.52 19.76 -6.11
N TRP C 244 0.50 18.96 -5.86
CA TRP C 244 0.33 17.51 -5.79
C TRP C 244 -0.81 17.18 -4.82
N SER C 245 -0.71 17.78 -3.63
CA SER C 245 -1.69 17.65 -2.56
C SER C 245 -3.03 18.26 -2.92
N GLU C 246 -3.50 17.99 -4.15
CA GLU C 246 -4.72 18.57 -4.65
C GLU C 246 -5.22 17.82 -5.86
N ILE C 247 -4.34 17.06 -6.50
CA ILE C 247 -4.73 16.21 -7.63
C ILE C 247 -5.14 14.87 -7.08
N ARG C 248 -6.22 14.31 -7.59
CA ARG C 248 -6.64 12.95 -7.24
C ARG C 248 -5.75 12.00 -7.99
N ASN C 249 -5.69 12.18 -9.30
CA ASN C 249 -4.91 11.35 -10.20
C ASN C 249 -4.80 12.03 -11.55
N ILE C 250 -3.83 11.61 -12.36
CA ILE C 250 -3.72 12.11 -13.72
C ILE C 250 -3.80 10.93 -14.69
N SER C 251 -4.38 11.17 -15.87
CA SER C 251 -4.52 10.12 -16.87
C SER C 251 -4.65 10.70 -18.27
N PHE C 252 -4.23 9.93 -19.25
CA PHE C 252 -4.36 10.34 -20.62
C PHE C 252 -4.97 9.23 -21.46
N ASN C 253 -6.06 9.55 -22.15
CA ASN C 253 -6.48 8.76 -23.30
C ASN C 253 -5.67 9.33 -24.46
N ASP C 254 -5.27 8.48 -25.40
CA ASP C 254 -4.62 8.90 -26.65
C ASP C 254 -3.94 10.31 -26.68
N LYS C 255 -4.76 11.38 -26.70
CA LYS C 255 -4.27 12.76 -26.69
C LYS C 255 -5.00 13.59 -25.65
N LYS C 256 -6.02 12.99 -25.05
CA LYS C 256 -6.85 13.66 -24.05
C LYS C 256 -6.29 13.40 -22.65
N PHE C 257 -5.74 14.45 -22.05
CA PHE C 257 -5.18 14.36 -20.70
C PHE C 257 -6.17 14.95 -19.69
N VAL C 258 -6.49 14.21 -18.62
CA VAL C 258 -7.36 14.74 -17.58
C VAL C 258 -6.66 14.81 -16.21
N ILE C 259 -7.09 15.74 -15.39
CA ILE C 259 -6.53 15.95 -14.08
C ILE C 259 -7.67 16.00 -13.06
N LYS C 260 -8.20 14.83 -12.70
CA LYS C 260 -9.22 14.76 -11.65
C LYS C 260 -8.61 15.28 -10.34
N PRO C 261 -9.28 16.23 -9.67
CA PRO C 261 -8.80 16.69 -8.37
C PRO C 261 -9.49 16.00 -7.20
N ILE C 262 -8.83 16.02 -6.04
CA ILE C 262 -9.38 15.50 -4.78
C ILE C 262 -10.77 16.08 -4.51
N ASP C 263 -10.83 17.41 -4.60
CA ASP C 263 -12.04 18.17 -4.35
C ASP C 263 -13.17 17.73 -5.30
N LYS C 264 -14.31 17.37 -4.73
CA LYS C 264 -15.44 16.89 -5.54
C LYS C 264 -16.25 18.04 -6.16
N LYS C 265 -16.19 19.21 -5.55
CA LYS C 265 -16.88 20.41 -6.05
C LYS C 265 -16.21 20.90 -7.34
N ALA C 266 -14.88 20.94 -7.35
CA ALA C 266 -14.10 21.32 -8.53
C ALA C 266 -14.16 20.25 -9.62
N PRO C 267 -14.33 20.67 -10.89
CA PRO C 267 -14.42 19.73 -12.00
C PRO C 267 -13.05 19.32 -12.50
N ASP C 268 -13.03 18.34 -13.40
CA ASP C 268 -11.80 17.86 -14.01
C ASP C 268 -11.25 18.91 -14.95
N PHE C 269 -9.92 19.03 -15.01
CA PHE C 269 -9.29 19.87 -16.00
C PHE C 269 -8.80 19.01 -17.16
N VAL C 270 -9.39 19.19 -18.34
CA VAL C 270 -8.93 18.45 -19.51
C VAL C 270 -8.04 19.30 -20.41
N PHE C 271 -7.11 18.64 -21.10
CA PHE C 271 -6.34 19.25 -22.17
C PHE C 271 -5.85 18.24 -23.18
N TYR C 272 -5.49 18.72 -24.37
CA TYR C 272 -5.08 17.86 -25.47
C TYR C 272 -3.67 18.20 -25.94
N ALA C 273 -2.82 17.18 -25.98
CA ALA C 273 -1.46 17.33 -26.48
C ALA C 273 -1.45 17.04 -27.97
N PRO C 274 -0.39 17.47 -28.69
CA PRO C 274 -0.23 17.13 -30.09
C PRO C 274 -0.27 15.63 -30.34
N ARG C 275 0.78 14.93 -29.95
CA ARG C 275 0.84 13.47 -30.19
C ARG C 275 0.74 12.66 -28.89
N LEU C 276 0.50 11.36 -29.05
CA LEU C 276 0.38 10.43 -27.92
C LEU C 276 1.63 10.45 -27.04
N ARG C 277 2.76 10.16 -27.66
CA ARG C 277 4.08 10.12 -27.02
C ARG C 277 4.39 11.28 -26.08
N ILE C 278 3.65 12.39 -26.25
CA ILE C 278 3.81 13.55 -25.38
C ILE C 278 3.13 13.28 -24.03
N ASN C 279 1.86 12.89 -24.08
CA ASN C 279 1.10 12.52 -22.88
C ASN C 279 1.80 11.47 -22.03
N LYS C 280 2.44 10.50 -22.70
CA LYS C 280 3.28 9.50 -22.03
C LYS C 280 4.48 10.16 -21.36
N ARG C 281 5.13 11.09 -22.06
CA ARG C 281 6.28 11.81 -21.51
C ARG C 281 5.88 12.70 -20.32
N ILE C 282 4.65 13.20 -20.33
CA ILE C 282 4.16 14.02 -19.21
C ILE C 282 3.89 13.12 -18.02
N LEU C 283 2.87 12.27 -18.14
CA LEU C 283 2.52 11.26 -17.15
C LEU C 283 3.76 10.77 -16.42
N ALA C 284 4.71 10.25 -17.18
CA ALA C 284 5.95 9.69 -16.63
C ALA C 284 6.67 10.69 -15.73
N LEU C 285 6.81 11.91 -16.23
CA LEU C 285 7.54 12.96 -15.53
C LEU C 285 6.82 13.41 -14.25
N CYS C 286 5.49 13.27 -14.25
CA CYS C 286 4.69 13.60 -13.06
C CYS C 286 4.94 12.62 -11.93
N MET C 287 4.82 11.32 -12.23
CA MET C 287 5.12 10.26 -11.26
C MET C 287 6.48 10.50 -10.67
N GLY C 288 7.49 10.56 -11.54
CA GLY C 288 8.85 10.87 -11.14
C GLY C 288 8.88 11.99 -10.10
N ASN C 289 8.32 13.14 -10.46
CA ASN C 289 8.41 14.33 -9.61
C ASN C 289 7.71 14.18 -8.26
N HIS C 290 6.53 13.58 -8.30
CA HIS C 290 5.75 13.28 -7.11
C HIS C 290 6.53 12.35 -6.17
N GLU C 291 6.95 11.20 -6.70
CA GLU C 291 7.80 10.27 -5.99
C GLU C 291 8.87 11.00 -5.18
N LEU C 292 9.68 11.82 -5.87
CA LEU C 292 10.70 12.65 -5.22
C LEU C 292 10.12 13.54 -4.15
N TYR C 293 8.93 14.06 -4.42
CA TYR C 293 8.25 14.99 -3.52
C TYR C 293 7.84 14.30 -2.23
N MET C 294 7.39 13.04 -2.37
CA MET C 294 6.98 12.22 -1.24
C MET C 294 8.19 11.72 -0.47
N ARG C 295 9.21 11.30 -1.20
CA ARG C 295 10.41 10.79 -0.58
C ARG C 295 11.04 11.81 0.38
N ARG C 296 11.10 13.07 -0.01
CA ARG C 296 11.78 14.05 0.87
C ARG C 296 10.91 14.63 1.97
N ARG C 297 9.73 14.04 2.13
CA ARG C 297 8.79 14.50 3.14
C ARG C 297 8.56 13.41 4.19
N LYS C 298 9.18 12.25 3.97
CA LYS C 298 8.94 11.07 4.82
C LYS C 298 9.88 10.97 6.04
N MET D 7 -31.39 -20.23 -12.67
CA MET D 7 -32.86 -19.92 -12.80
C MET D 7 -33.64 -20.14 -11.48
N ASP D 8 -34.12 -19.05 -10.88
CA ASP D 8 -34.98 -19.14 -9.67
C ASP D 8 -35.95 -17.96 -9.53
N ILE D 9 -37.00 -18.13 -8.71
CA ILE D 9 -38.05 -17.14 -8.53
C ILE D 9 -38.56 -17.07 -7.08
N THR D 10 -38.89 -15.87 -6.61
CA THR D 10 -39.51 -15.68 -5.30
C THR D 10 -40.68 -14.71 -5.41
N ASP D 11 -41.77 -14.97 -4.69
CA ASP D 11 -42.92 -14.07 -4.71
C ASP D 11 -43.07 -13.31 -3.38
N ILE D 12 -43.09 -11.98 -3.45
CA ILE D 12 -43.15 -11.10 -2.25
C ILE D 12 -44.58 -10.74 -1.81
N ASN D 13 -45.06 -9.55 -2.21
CA ASN D 13 -46.41 -9.08 -1.85
C ASN D 13 -47.48 -9.69 -2.77
N MET E 7 18.78 -19.90 -15.72
CA MET E 7 20.22 -19.64 -15.41
C MET E 7 20.44 -18.28 -14.73
N ASP E 8 21.27 -18.27 -13.67
CA ASP E 8 21.64 -17.05 -12.89
C ASP E 8 22.65 -17.31 -11.75
N ILE E 9 23.17 -16.24 -11.15
CA ILE E 9 24.22 -16.32 -10.12
C ILE E 9 24.19 -15.13 -9.13
N THR E 10 24.96 -15.24 -8.04
CA THR E 10 25.14 -14.17 -7.05
C THR E 10 26.46 -14.35 -6.27
N ASP E 11 27.11 -13.24 -5.94
CA ASP E 11 28.39 -13.26 -5.21
C ASP E 11 28.25 -13.63 -3.72
N GLN F 6 -3.81 4.03 -27.16
CA GLN F 6 -3.86 3.48 -25.77
C GLN F 6 -3.84 4.58 -24.70
N MET F 7 -4.22 4.18 -23.48
CA MET F 7 -4.33 5.10 -22.34
C MET F 7 -3.43 4.65 -21.21
N ASP F 8 -3.32 5.49 -20.20
CA ASP F 8 -2.66 5.14 -18.95
C ASP F 8 -3.13 6.07 -17.84
N ILE F 9 -3.03 5.61 -16.60
CA ILE F 9 -3.51 6.37 -15.45
C ILE F 9 -2.70 6.03 -14.18
N THR F 10 -2.55 7.00 -13.29
CA THR F 10 -1.85 6.79 -12.02
C THR F 10 -2.31 7.76 -10.91
N ASP F 11 -2.59 7.19 -9.73
CA ASP F 11 -3.03 7.93 -8.55
C ASP F 11 -1.95 8.87 -8.05
N ILE F 12 -2.13 10.17 -8.28
CA ILE F 12 -1.19 11.13 -7.73
C ILE F 12 -1.37 11.19 -6.23
N ASN F 13 -2.59 10.92 -5.78
CA ASN F 13 -2.96 11.01 -4.38
C ASN F 13 -4.07 10.00 -4.08
N ALA F 14 -3.73 8.72 -4.28
CA ALA F 14 -4.68 7.60 -4.20
C ALA F 14 -5.63 7.69 -3.02
N PRO F 15 -6.89 7.21 -3.19
CA PRO F 15 -7.78 7.34 -2.04
C PRO F 15 -7.27 6.41 -0.95
N LYS F 16 -7.50 6.77 0.31
CA LYS F 16 -6.99 5.99 1.41
C LYS F 16 -7.68 4.64 1.45
N PRO F 17 -6.93 3.58 1.81
CA PRO F 17 -7.55 2.27 2.00
C PRO F 17 -8.42 2.20 3.25
N LYS F 18 -9.47 1.39 3.16
CA LYS F 18 -10.32 1.10 4.31
C LYS F 18 -9.61 0.10 5.20
N LYS F 19 -9.75 0.27 6.51
CA LYS F 19 -9.19 -0.68 7.46
C LYS F 19 -10.34 -1.34 8.25
N LYS F 20 -10.50 -2.65 8.04
CA LYS F 20 -11.44 -3.47 8.83
C LYS F 20 -10.66 -4.18 9.92
N GLN F 21 -11.36 -4.88 10.81
CA GLN F 21 -10.69 -5.73 11.82
C GLN F 21 -10.68 -7.15 11.29
N ARG F 22 -9.78 -7.98 11.80
CA ARG F 22 -9.75 -9.38 11.35
C ARG F 22 -10.90 -10.23 11.90
#